data_1WV8
# 
_entry.id   1WV8 
# 
_audit_conform.dict_name       mmcif_pdbx.dic 
_audit_conform.dict_version    5.398 
_audit_conform.dict_location   http://mmcif.pdb.org/dictionaries/ascii/mmcif_pdbx.dic 
# 
loop_
_database_2.database_id 
_database_2.database_code 
_database_2.pdbx_database_accession 
_database_2.pdbx_DOI 
PDB   1WV8         pdb_00001wv8 10.2210/pdb1wv8/pdb 
RCSB  RCSB024040   ?            ?                   
WWPDB D_1000024040 ?            ?                   
# 
loop_
_pdbx_audit_revision_history.ordinal 
_pdbx_audit_revision_history.data_content_type 
_pdbx_audit_revision_history.major_revision 
_pdbx_audit_revision_history.minor_revision 
_pdbx_audit_revision_history.revision_date 
1 'Structure model' 1 0 2005-06-12 
2 'Structure model' 1 1 2008-04-30 
3 'Structure model' 1 2 2011-07-13 
4 'Structure model' 1 3 2024-11-13 
# 
_pdbx_audit_revision_details.ordinal             1 
_pdbx_audit_revision_details.revision_ordinal    1 
_pdbx_audit_revision_details.data_content_type   'Structure model' 
_pdbx_audit_revision_details.provider            repository 
_pdbx_audit_revision_details.type                'Initial release' 
_pdbx_audit_revision_details.description         ? 
_pdbx_audit_revision_details.details             ? 
# 
loop_
_pdbx_audit_revision_group.ordinal 
_pdbx_audit_revision_group.revision_ordinal 
_pdbx_audit_revision_group.data_content_type 
_pdbx_audit_revision_group.group 
1 2 'Structure model' 'Version format compliance' 
2 3 'Structure model' 'Derived calculations'      
3 3 'Structure model' 'Source and taxonomy'       
4 3 'Structure model' 'Version format compliance' 
5 4 'Structure model' 'Data collection'           
6 4 'Structure model' 'Database references'       
7 4 'Structure model' 'Derived calculations'      
8 4 'Structure model' 'Structure summary'         
# 
loop_
_pdbx_audit_revision_category.ordinal 
_pdbx_audit_revision_category.revision_ordinal 
_pdbx_audit_revision_category.data_content_type 
_pdbx_audit_revision_category.category 
1 4 'Structure model' chem_comp_atom            
2 4 'Structure model' chem_comp_bond            
3 4 'Structure model' database_2                
4 4 'Structure model' pdbx_entry_details        
5 4 'Structure model' pdbx_modification_feature 
6 4 'Structure model' struct_conn               
7 4 'Structure model' struct_ref_seq_dif        
# 
loop_
_pdbx_audit_revision_item.ordinal 
_pdbx_audit_revision_item.revision_ordinal 
_pdbx_audit_revision_item.data_content_type 
_pdbx_audit_revision_item.item 
1 4 'Structure model' '_database_2.pdbx_DOI'                
2 4 'Structure model' '_database_2.pdbx_database_accession' 
3 4 'Structure model' '_struct_conn.pdbx_leaving_atom_flag' 
4 4 'Structure model' '_struct_ref_seq_dif.details'         
# 
_pdbx_database_status.status_code                     REL 
_pdbx_database_status.entry_id                        1WV8 
_pdbx_database_status.recvd_initial_deposition_date   2004-12-12 
_pdbx_database_status.deposit_site                    PDBJ 
_pdbx_database_status.process_site                    PDBJ 
_pdbx_database_status.status_code_sf                  REL 
_pdbx_database_status.status_code_mr                  ? 
_pdbx_database_status.SG_entry                        Y 
_pdbx_database_status.pdb_format_compatible           Y 
_pdbx_database_status.status_code_cs                  ? 
_pdbx_database_status.status_code_nmr_data            ? 
_pdbx_database_status.methods_development_category    ? 
# 
_pdbx_database_related.db_name        TargetDB 
_pdbx_database_related.db_id          ttk003001413.1 
_pdbx_database_related.details        . 
_pdbx_database_related.content_type   unspecified 
# 
loop_
_audit_author.name 
_audit_author.pdbx_ordinal 
'Mizohata, E.'                                           1 
'Hattori, M.'                                            2 
'Kuramitsu, S.'                                          3 
'Shirouzu, M.'                                           4 
'Yokoyama, S.'                                           5 
'RIKEN Structural Genomics/Proteomics Initiative (RSGI)' 6 
# 
_citation.id                        primary 
_citation.title                     'Crystal structure of the hypothetical protein TTHA1013 from Thermus thermophilus HB8' 
_citation.journal_abbrev            Proteins 
_citation.journal_volume            61 
_citation.page_first                1117 
_citation.page_last                 1120 
_citation.year                      2005 
_citation.journal_id_ASTM           PSFGEY 
_citation.country                   US 
_citation.journal_id_ISSN           0887-3585 
_citation.journal_id_CSD            0867 
_citation.book_publisher            ? 
_citation.pdbx_database_id_PubMed   16250002 
_citation.pdbx_database_id_DOI      10.1002/prot.20692 
# 
loop_
_citation_author.citation_id 
_citation_author.name 
_citation_author.ordinal 
_citation_author.identifier_ORCID 
primary 'Hattori, M.'   1 ? 
primary 'Mizohata, E.'  2 ? 
primary 'Manzoku, M.'   3 ? 
primary 'Bessho, Y.'    4 ? 
primary 'Murayama, K.'  5 ? 
primary 'Terada, T.'    6 ? 
primary 'Kuramitsu, S.' 7 ? 
primary 'Shirouzu, M.'  8 ? 
primary 'Yokoyama, S.'  9 ? 
# 
loop_
_entity.id 
_entity.type 
_entity.src_method 
_entity.pdbx_description 
_entity.formula_weight 
_entity.pdbx_number_of_molecules 
_entity.pdbx_ec 
_entity.pdbx_mutation 
_entity.pdbx_fragment 
_entity.details 
1 polymer man 'hypothetical protein TTHA1013' 8013.877 1  ? ? ? ? 
2 water   nat water                           18.015   38 ? ? ? ? 
# 
_entity_name_com.entity_id   1 
_entity_name_com.name        TT1413 
# 
_entity_poly.entity_id                      1 
_entity_poly.type                           'polypeptide(L)' 
_entity_poly.nstd_linkage                   no 
_entity_poly.nstd_monomer                   yes 
_entity_poly.pdbx_seq_one_letter_code       
;(MSE)RTLKVQALWDGEAGVWVAESDDVPGLATEAATLEELLAKLAV(MSE)VPELLEENGVALELPVELRLEATRPLVF
S
;
_entity_poly.pdbx_seq_one_letter_code_can   MRTLKVQALWDGEAGVWVAESDDVPGLATEAATLEELLAKLAVMVPELLEENGVALELPVELRLEATRPLVFS 
_entity_poly.pdbx_strand_id                 A 
_entity_poly.pdbx_target_identifier         ttk003001413.1 
# 
_pdbx_entity_nonpoly.entity_id   2 
_pdbx_entity_nonpoly.name        water 
_pdbx_entity_nonpoly.comp_id     HOH 
# 
loop_
_entity_poly_seq.entity_id 
_entity_poly_seq.num 
_entity_poly_seq.mon_id 
_entity_poly_seq.hetero 
1 1  MSE n 
1 2  ARG n 
1 3  THR n 
1 4  LEU n 
1 5  LYS n 
1 6  VAL n 
1 7  GLN n 
1 8  ALA n 
1 9  LEU n 
1 10 TRP n 
1 11 ASP n 
1 12 GLY n 
1 13 GLU n 
1 14 ALA n 
1 15 GLY n 
1 16 VAL n 
1 17 TRP n 
1 18 VAL n 
1 19 ALA n 
1 20 GLU n 
1 21 SER n 
1 22 ASP n 
1 23 ASP n 
1 24 VAL n 
1 25 PRO n 
1 26 GLY n 
1 27 LEU n 
1 28 ALA n 
1 29 THR n 
1 30 GLU n 
1 31 ALA n 
1 32 ALA n 
1 33 THR n 
1 34 LEU n 
1 35 GLU n 
1 36 GLU n 
1 37 LEU n 
1 38 LEU n 
1 39 ALA n 
1 40 LYS n 
1 41 LEU n 
1 42 ALA n 
1 43 VAL n 
1 44 MSE n 
1 45 VAL n 
1 46 PRO n 
1 47 GLU n 
1 48 LEU n 
1 49 LEU n 
1 50 GLU n 
1 51 GLU n 
1 52 ASN n 
1 53 GLY n 
1 54 VAL n 
1 55 ALA n 
1 56 LEU n 
1 57 GLU n 
1 58 LEU n 
1 59 PRO n 
1 60 VAL n 
1 61 GLU n 
1 62 LEU n 
1 63 ARG n 
1 64 LEU n 
1 65 GLU n 
1 66 ALA n 
1 67 THR n 
1 68 ARG n 
1 69 PRO n 
1 70 LEU n 
1 71 VAL n 
1 72 PHE n 
1 73 SER n 
# 
_entity_src_gen.entity_id                          1 
_entity_src_gen.pdbx_src_id                        1 
_entity_src_gen.pdbx_alt_source_flag               sample 
_entity_src_gen.pdbx_seq_type                      ? 
_entity_src_gen.pdbx_beg_seq_num                   ? 
_entity_src_gen.pdbx_end_seq_num                   ? 
_entity_src_gen.gene_src_common_name               ? 
_entity_src_gen.gene_src_genus                     Thermus 
_entity_src_gen.pdbx_gene_src_gene                 ? 
_entity_src_gen.gene_src_species                   'Thermus thermophilus' 
_entity_src_gen.gene_src_strain                    HB8 
_entity_src_gen.gene_src_tissue                    ? 
_entity_src_gen.gene_src_tissue_fraction           ? 
_entity_src_gen.gene_src_details                   ? 
_entity_src_gen.pdbx_gene_src_fragment             ? 
_entity_src_gen.pdbx_gene_src_scientific_name      'Thermus thermophilus' 
_entity_src_gen.pdbx_gene_src_ncbi_taxonomy_id     300852 
_entity_src_gen.pdbx_gene_src_variant              ? 
_entity_src_gen.pdbx_gene_src_cell_line            ? 
_entity_src_gen.pdbx_gene_src_atcc                 ? 
_entity_src_gen.pdbx_gene_src_organ                ? 
_entity_src_gen.pdbx_gene_src_organelle            ? 
_entity_src_gen.pdbx_gene_src_cell                 ? 
_entity_src_gen.pdbx_gene_src_cellular_location    ? 
_entity_src_gen.host_org_common_name               ? 
_entity_src_gen.pdbx_host_org_scientific_name      'Escherichia coli' 
_entity_src_gen.pdbx_host_org_ncbi_taxonomy_id     562 
_entity_src_gen.host_org_genus                     Escherichia 
_entity_src_gen.pdbx_host_org_gene                 ? 
_entity_src_gen.pdbx_host_org_organ                ? 
_entity_src_gen.host_org_species                   ? 
_entity_src_gen.pdbx_host_org_tissue               ? 
_entity_src_gen.pdbx_host_org_tissue_fraction      ? 
_entity_src_gen.pdbx_host_org_strain               ? 
_entity_src_gen.pdbx_host_org_variant              ? 
_entity_src_gen.pdbx_host_org_cell_line            ? 
_entity_src_gen.pdbx_host_org_atcc                 ? 
_entity_src_gen.pdbx_host_org_culture_collection   ? 
_entity_src_gen.pdbx_host_org_cell                 ? 
_entity_src_gen.pdbx_host_org_organelle            ? 
_entity_src_gen.pdbx_host_org_cellular_location    ? 
_entity_src_gen.pdbx_host_org_vector_type          Plasmid 
_entity_src_gen.pdbx_host_org_vector               ? 
_entity_src_gen.host_org_details                   ? 
_entity_src_gen.expression_system_id               ? 
_entity_src_gen.plasmid_name                       pET11a 
_entity_src_gen.plasmid_details                    ? 
_entity_src_gen.pdbx_description                   ? 
# 
loop_
_chem_comp.id 
_chem_comp.type 
_chem_comp.mon_nstd_flag 
_chem_comp.name 
_chem_comp.pdbx_synonyms 
_chem_comp.formula 
_chem_comp.formula_weight 
ALA 'L-peptide linking' y ALANINE          ? 'C3 H7 N O2'     89.093  
ARG 'L-peptide linking' y ARGININE         ? 'C6 H15 N4 O2 1' 175.209 
ASN 'L-peptide linking' y ASPARAGINE       ? 'C4 H8 N2 O3'    132.118 
ASP 'L-peptide linking' y 'ASPARTIC ACID'  ? 'C4 H7 N O4'     133.103 
GLN 'L-peptide linking' y GLUTAMINE        ? 'C5 H10 N2 O3'   146.144 
GLU 'L-peptide linking' y 'GLUTAMIC ACID'  ? 'C5 H9 N O4'     147.129 
GLY 'peptide linking'   y GLYCINE          ? 'C2 H5 N O2'     75.067  
HOH non-polymer         . WATER            ? 'H2 O'           18.015  
LEU 'L-peptide linking' y LEUCINE          ? 'C6 H13 N O2'    131.173 
LYS 'L-peptide linking' y LYSINE           ? 'C6 H15 N2 O2 1' 147.195 
MET 'L-peptide linking' y METHIONINE       ? 'C5 H11 N O2 S'  149.211 
MSE 'L-peptide linking' n SELENOMETHIONINE ? 'C5 H11 N O2 Se' 196.106 
PHE 'L-peptide linking' y PHENYLALANINE    ? 'C9 H11 N O2'    165.189 
PRO 'L-peptide linking' y PROLINE          ? 'C5 H9 N O2'     115.130 
SER 'L-peptide linking' y SERINE           ? 'C3 H7 N O3'     105.093 
THR 'L-peptide linking' y THREONINE        ? 'C4 H9 N O3'     119.119 
TRP 'L-peptide linking' y TRYPTOPHAN       ? 'C11 H12 N2 O2'  204.225 
VAL 'L-peptide linking' y VALINE           ? 'C5 H11 N O2'    117.146 
# 
loop_
_pdbx_poly_seq_scheme.asym_id 
_pdbx_poly_seq_scheme.entity_id 
_pdbx_poly_seq_scheme.seq_id 
_pdbx_poly_seq_scheme.mon_id 
_pdbx_poly_seq_scheme.ndb_seq_num 
_pdbx_poly_seq_scheme.pdb_seq_num 
_pdbx_poly_seq_scheme.auth_seq_num 
_pdbx_poly_seq_scheme.pdb_mon_id 
_pdbx_poly_seq_scheme.auth_mon_id 
_pdbx_poly_seq_scheme.pdb_strand_id 
_pdbx_poly_seq_scheme.pdb_ins_code 
_pdbx_poly_seq_scheme.hetero 
A 1 1  MSE 1  1  ?  ?   ?   A . n 
A 1 2  ARG 2  2  2  ARG ARG A . n 
A 1 3  THR 3  3  3  THR THR A . n 
A 1 4  LEU 4  4  4  LEU LEU A . n 
A 1 5  LYS 5  5  5  LYS LYS A . n 
A 1 6  VAL 6  6  6  VAL VAL A . n 
A 1 7  GLN 7  7  7  GLN GLN A . n 
A 1 8  ALA 8  8  8  ALA ALA A . n 
A 1 9  LEU 9  9  9  LEU LEU A . n 
A 1 10 TRP 10 10 10 TRP TRP A . n 
A 1 11 ASP 11 11 11 ASP ASP A . n 
A 1 12 GLY 12 12 12 GLY GLY A . n 
A 1 13 GLU 13 13 13 GLU GLU A . n 
A 1 14 ALA 14 14 14 ALA ALA A . n 
A 1 15 GLY 15 15 15 GLY GLY A . n 
A 1 16 VAL 16 16 16 VAL VAL A . n 
A 1 17 TRP 17 17 17 TRP TRP A . n 
A 1 18 VAL 18 18 18 VAL VAL A . n 
A 1 19 ALA 19 19 19 ALA ALA A . n 
A 1 20 GLU 20 20 20 GLU GLU A . n 
A 1 21 SER 21 21 21 SER SER A . n 
A 1 22 ASP 22 22 22 ASP ASP A . n 
A 1 23 ASP 23 23 23 ASP ASP A . n 
A 1 24 VAL 24 24 24 VAL VAL A . n 
A 1 25 PRO 25 25 25 PRO PRO A . n 
A 1 26 GLY 26 26 26 GLY GLY A . n 
A 1 27 LEU 27 27 27 LEU LEU A . n 
A 1 28 ALA 28 28 28 ALA ALA A . n 
A 1 29 THR 29 29 29 THR THR A . n 
A 1 30 GLU 30 30 30 GLU GLU A . n 
A 1 31 ALA 31 31 31 ALA ALA A . n 
A 1 32 ALA 32 32 32 ALA ALA A . n 
A 1 33 THR 33 33 33 THR THR A . n 
A 1 34 LEU 34 34 34 LEU LEU A . n 
A 1 35 GLU 35 35 35 GLU GLU A . n 
A 1 36 GLU 36 36 36 GLU GLU A . n 
A 1 37 LEU 37 37 37 LEU LEU A . n 
A 1 38 LEU 38 38 38 LEU LEU A . n 
A 1 39 ALA 39 39 39 ALA ALA A . n 
A 1 40 LYS 40 40 40 LYS LYS A . n 
A 1 41 LEU 41 41 41 LEU LEU A . n 
A 1 42 ALA 42 42 42 ALA ALA A . n 
A 1 43 VAL 43 43 43 VAL VAL A . n 
A 1 44 MSE 44 44 44 MSE MSE A . n 
A 1 45 VAL 45 45 45 VAL VAL A . n 
A 1 46 PRO 46 46 46 PRO PRO A . n 
A 1 47 GLU 47 47 47 GLU GLU A . n 
A 1 48 LEU 48 48 48 LEU LEU A . n 
A 1 49 LEU 49 49 49 LEU LEU A . n 
A 1 50 GLU 50 50 50 GLU GLU A . n 
A 1 51 GLU 51 51 51 GLU GLU A . n 
A 1 52 ASN 52 52 52 ASN ASN A . n 
A 1 53 GLY 53 53 53 GLY GLY A . n 
A 1 54 VAL 54 54 54 VAL VAL A . n 
A 1 55 ALA 55 55 55 ALA ALA A . n 
A 1 56 LEU 56 56 56 LEU LEU A . n 
A 1 57 GLU 57 57 57 GLU GLU A . n 
A 1 58 LEU 58 58 58 LEU LEU A . n 
A 1 59 PRO 59 59 59 PRO PRO A . n 
A 1 60 VAL 60 60 60 VAL VAL A . n 
A 1 61 GLU 61 61 61 GLU GLU A . n 
A 1 62 LEU 62 62 62 LEU LEU A . n 
A 1 63 ARG 63 63 63 ARG ARG A . n 
A 1 64 LEU 64 64 64 LEU LEU A . n 
A 1 65 GLU 65 65 65 GLU GLU A . n 
A 1 66 ALA 66 66 66 ALA ALA A . n 
A 1 67 THR 67 67 67 THR THR A . n 
A 1 68 ARG 68 68 68 ARG ARG A . n 
A 1 69 PRO 69 69 69 PRO PRO A . n 
A 1 70 LEU 70 70 70 LEU LEU A . n 
A 1 71 VAL 71 71 71 VAL VAL A . n 
A 1 72 PHE 72 72 72 PHE PHE A . n 
A 1 73 SER 73 73 ?  ?   ?   A . n 
# 
loop_
_pdbx_nonpoly_scheme.asym_id 
_pdbx_nonpoly_scheme.entity_id 
_pdbx_nonpoly_scheme.mon_id 
_pdbx_nonpoly_scheme.ndb_seq_num 
_pdbx_nonpoly_scheme.pdb_seq_num 
_pdbx_nonpoly_scheme.auth_seq_num 
_pdbx_nonpoly_scheme.pdb_mon_id 
_pdbx_nonpoly_scheme.auth_mon_id 
_pdbx_nonpoly_scheme.pdb_strand_id 
_pdbx_nonpoly_scheme.pdb_ins_code 
B 2 HOH 1  74  1  HOH WAT A . 
B 2 HOH 2  75  2  HOH WAT A . 
B 2 HOH 3  76  3  HOH WAT A . 
B 2 HOH 4  77  4  HOH WAT A . 
B 2 HOH 5  78  5  HOH WAT A . 
B 2 HOH 6  79  6  HOH WAT A . 
B 2 HOH 7  80  7  HOH WAT A . 
B 2 HOH 8  81  8  HOH WAT A . 
B 2 HOH 9  82  9  HOH WAT A . 
B 2 HOH 10 83  10 HOH WAT A . 
B 2 HOH 11 84  11 HOH WAT A . 
B 2 HOH 12 85  12 HOH WAT A . 
B 2 HOH 13 86  13 HOH WAT A . 
B 2 HOH 14 87  14 HOH WAT A . 
B 2 HOH 15 88  15 HOH WAT A . 
B 2 HOH 16 89  16 HOH WAT A . 
B 2 HOH 17 90  17 HOH WAT A . 
B 2 HOH 18 91  18 HOH WAT A . 
B 2 HOH 19 92  19 HOH WAT A . 
B 2 HOH 20 93  20 HOH WAT A . 
B 2 HOH 21 94  21 HOH WAT A . 
B 2 HOH 22 95  22 HOH WAT A . 
B 2 HOH 23 96  23 HOH WAT A . 
B 2 HOH 24 97  24 HOH WAT A . 
B 2 HOH 25 98  25 HOH WAT A . 
B 2 HOH 26 99  26 HOH WAT A . 
B 2 HOH 27 100 27 HOH WAT A . 
B 2 HOH 28 101 28 HOH WAT A . 
B 2 HOH 29 102 29 HOH WAT A . 
B 2 HOH 30 103 30 HOH WAT A . 
B 2 HOH 31 104 31 HOH WAT A . 
B 2 HOH 32 105 32 HOH WAT A . 
B 2 HOH 33 106 33 HOH WAT A . 
B 2 HOH 34 107 34 HOH WAT A . 
B 2 HOH 35 108 35 HOH WAT A . 
B 2 HOH 36 109 36 HOH WAT A . 
B 2 HOH 37 110 37 HOH WAT A . 
B 2 HOH 38 111 38 HOH WAT A . 
# 
loop_
_software.name 
_software.classification 
_software.version 
_software.citation_id 
_software.pdbx_ordinal 
CNS       refinement       1.1 ? 1 
HKL-2000  'data reduction' .   ? 2 
SCALEPACK 'data scaling'   .   ? 3 
SOLVE     phasing          .   ? 4 
# 
_cell.entry_id           1WV8 
_cell.length_a           51.897 
_cell.length_b           51.897 
_cell.length_c           117.727 
_cell.angle_alpha        90.00 
_cell.angle_beta         90.00 
_cell.angle_gamma        120.00 
_cell.Z_PDB              12 
_cell.pdbx_unique_axis   ? 
# 
_symmetry.entry_id                         1WV8 
_symmetry.space_group_name_H-M             'P 64 2 2' 
_symmetry.pdbx_full_space_group_name_H-M   ? 
_symmetry.cell_setting                     ? 
_symmetry.Int_Tables_number                181 
_symmetry.space_group_name_Hall            ? 
# 
_exptl.entry_id          1WV8 
_exptl.method            'X-RAY DIFFRACTION' 
_exptl.crystals_number   1 
# 
_exptl_crystal.id                    1 
_exptl_crystal.density_meas          ? 
_exptl_crystal.density_Matthews      2.878 
_exptl_crystal.density_percent_sol   56 
_exptl_crystal.description           ? 
_exptl_crystal.F_000                 ? 
_exptl_crystal.preparation           ? 
# 
_exptl_crystal_grow.crystal_id      1 
_exptl_crystal_grow.method          'VAPOR DIFFUSION, HANGING DROP' 
_exptl_crystal_grow.temp            293 
_exptl_crystal_grow.temp_details    ? 
_exptl_crystal_grow.pH              4.6 
_exptl_crystal_grow.pdbx_details    
'ammonium sulfate, sodium acetate, PEG4000, Tris-HCl, Sodium chloride, pH 4.6, VAPOR DIFFUSION, HANGING DROP, temperature 293K' 
_exptl_crystal_grow.pdbx_pH_range   . 
# 
_diffrn.id                     1 
_diffrn.ambient_temp           100 
_diffrn.ambient_temp_details   ? 
_diffrn.crystal_id             1 
# 
_diffrn_detector.diffrn_id              1 
_diffrn_detector.detector               'IMAGE PLATE' 
_diffrn_detector.type                   RIGAKU 
_diffrn_detector.pdbx_collection_date   2004-06-17 
_diffrn_detector.details                ? 
# 
_diffrn_radiation.diffrn_id                        1 
_diffrn_radiation.wavelength_id                    1 
_diffrn_radiation.pdbx_monochromatic_or_laue_m_l   M 
_diffrn_radiation.monochromator                    ? 
_diffrn_radiation.pdbx_diffrn_protocol             MAD 
_diffrn_radiation.pdbx_scattering_type             x-ray 
# 
loop_
_diffrn_radiation_wavelength.id 
_diffrn_radiation_wavelength.wavelength 
_diffrn_radiation_wavelength.wt 
1 0.96300 1.0 
2 0.97911 1.0 
3 0.97937 1.0 
4 1.00000 1.0 
# 
_diffrn_source.diffrn_id                   1 
_diffrn_source.source                      SYNCHROTRON 
_diffrn_source.type                        'SPRING-8 BEAMLINE BL26B1' 
_diffrn_source.pdbx_synchrotron_site       SPring-8 
_diffrn_source.pdbx_synchrotron_beamline   BL26B1 
_diffrn_source.pdbx_wavelength             ? 
_diffrn_source.pdbx_wavelength_list        '0.96300, 0.97911, 0.97937, 1.00000' 
# 
_reflns.entry_id                     1WV8 
_reflns.observed_criterion_sigma_I   ? 
_reflns.observed_criterion_sigma_F   ? 
_reflns.d_resolution_low             50 
_reflns.d_resolution_high            2.2 
_reflns.number_obs                   5283 
_reflns.number_all                   ? 
_reflns.percent_possible_obs         ? 
_reflns.pdbx_Rmerge_I_obs            ? 
_reflns.pdbx_Rsym_value              ? 
_reflns.pdbx_netI_over_sigmaI        ? 
_reflns.B_iso_Wilson_estimate        30.3 
_reflns.pdbx_redundancy              ? 
_reflns.R_free_details               ? 
_reflns.limit_h_max                  ? 
_reflns.limit_h_min                  ? 
_reflns.limit_k_max                  ? 
_reflns.limit_k_min                  ? 
_reflns.limit_l_max                  ? 
_reflns.limit_l_min                  ? 
_reflns.observed_criterion_F_max     ? 
_reflns.observed_criterion_F_min     ? 
_reflns.pdbx_chi_squared             ? 
_reflns.pdbx_scaling_rejects         ? 
_reflns.pdbx_ordinal                 1 
_reflns.pdbx_diffrn_id               1 
# 
_refine.entry_id                                 1WV8 
_refine.ls_number_reflns_obs                     5222 
_refine.ls_number_reflns_all                     ? 
_refine.pdbx_ls_sigma_I                          ? 
_refine.pdbx_ls_sigma_F                          0.0 
_refine.pdbx_data_cutoff_high_absF               573827.92 
_refine.pdbx_data_cutoff_low_absF                0.000000 
_refine.pdbx_data_cutoff_high_rms_absF           ? 
_refine.ls_d_res_low                             44.95 
_refine.ls_d_res_high                            2.20 
_refine.ls_percent_reflns_obs                    99.6 
_refine.ls_R_factor_obs                          0.259 
_refine.ls_R_factor_all                          ? 
_refine.ls_R_factor_R_work                       0.259 
_refine.ls_R_factor_R_free                       0.273 
_refine.ls_R_factor_R_free_error                 0.016 
_refine.ls_R_factor_R_free_error_details         ? 
_refine.ls_percent_reflns_R_free                 5.5 
_refine.ls_number_reflns_R_free                  285 
_refine.ls_number_parameters                     ? 
_refine.ls_number_restraints                     ? 
_refine.occupancy_min                            ? 
_refine.occupancy_max                            ? 
_refine.correlation_coeff_Fo_to_Fc               ? 
_refine.correlation_coeff_Fo_to_Fc_free          ? 
_refine.B_iso_mean                               53.6 
_refine.aniso_B[1][1]                            3.19 
_refine.aniso_B[2][2]                            3.19 
_refine.aniso_B[3][3]                            -6.39 
_refine.aniso_B[1][2]                            -1.96 
_refine.aniso_B[1][3]                            0.00 
_refine.aniso_B[2][3]                            0.00 
_refine.solvent_model_details                    'FLAT MODEL' 
_refine.solvent_model_param_ksol                 0.355245 
_refine.solvent_model_param_bsol                 51.5787 
_refine.pdbx_solvent_vdw_probe_radii             ? 
_refine.pdbx_solvent_ion_probe_radii             ? 
_refine.pdbx_solvent_shrinkage_radii             ? 
_refine.pdbx_ls_cross_valid_method               THROUGHOUT 
_refine.details                                  ? 
_refine.pdbx_starting_model                      ? 
_refine.pdbx_method_to_determine_struct          MAD 
_refine.pdbx_isotropic_thermal_model             RESTRAINED 
_refine.pdbx_stereochemistry_target_values       ? 
_refine.pdbx_stereochem_target_val_spec_case     ? 
_refine.pdbx_R_Free_selection_details            RANDOM 
_refine.pdbx_overall_ESU_R                       ? 
_refine.pdbx_overall_ESU_R_Free                  ? 
_refine.overall_SU_ML                            ? 
_refine.overall_SU_B                             ? 
_refine.ls_redundancy_reflns_obs                 ? 
_refine.B_iso_min                                ? 
_refine.B_iso_max                                ? 
_refine.overall_SU_R_Cruickshank_DPI             ? 
_refine.overall_SU_R_free                        ? 
_refine.ls_wR_factor_R_free                      ? 
_refine.ls_wR_factor_R_work                      ? 
_refine.overall_FOM_free_R_set                   ? 
_refine.overall_FOM_work_R_set                   ? 
_refine.pdbx_refine_id                           'X-RAY DIFFRACTION' 
_refine.pdbx_diffrn_id                           1 
_refine.pdbx_TLS_residual_ADP_flag               ? 
_refine.pdbx_overall_phase_error                 ? 
_refine.pdbx_overall_SU_R_free_Cruickshank_DPI   ? 
_refine.pdbx_overall_SU_R_Blow_DPI               ? 
_refine.pdbx_overall_SU_R_free_Blow_DPI          ? 
# 
_refine_analyze.entry_id                        1WV8 
_refine_analyze.Luzzati_coordinate_error_obs    0.35 
_refine_analyze.Luzzati_sigma_a_obs             0.33 
_refine_analyze.Luzzati_d_res_low_obs           5.00 
_refine_analyze.Luzzati_coordinate_error_free   0.34 
_refine_analyze.Luzzati_sigma_a_free            0.38 
_refine_analyze.Luzzati_d_res_low_free          ? 
_refine_analyze.number_disordered_residues      ? 
_refine_analyze.occupancy_sum_hydrogen          ? 
_refine_analyze.occupancy_sum_non_hydrogen      ? 
_refine_analyze.pdbx_Luzzati_d_res_high_obs     ? 
_refine_analyze.pdbx_refine_id                  'X-RAY DIFFRACTION' 
# 
_refine_hist.pdbx_refine_id                   'X-RAY DIFFRACTION' 
_refine_hist.cycle_id                         LAST 
_refine_hist.pdbx_number_atoms_protein        541 
_refine_hist.pdbx_number_atoms_nucleic_acid   0 
_refine_hist.pdbx_number_atoms_ligand         0 
_refine_hist.number_atoms_solvent             38 
_refine_hist.number_atoms_total               579 
_refine_hist.d_res_high                       2.20 
_refine_hist.d_res_low                        44.95 
# 
loop_
_refine_ls_restr.type 
_refine_ls_restr.dev_ideal 
_refine_ls_restr.dev_ideal_target 
_refine_ls_restr.weight 
_refine_ls_restr.number 
_refine_ls_restr.pdbx_refine_id 
_refine_ls_restr.pdbx_restraint_function 
c_bond_d                0.006 ? ? ? 'X-RAY DIFFRACTION' ? 
c_bond_d_na             ?     ? ? ? 'X-RAY DIFFRACTION' ? 
c_bond_d_prot           ?     ? ? ? 'X-RAY DIFFRACTION' ? 
c_angle_d               ?     ? ? ? 'X-RAY DIFFRACTION' ? 
c_angle_d_na            ?     ? ? ? 'X-RAY DIFFRACTION' ? 
c_angle_d_prot          ?     ? ? ? 'X-RAY DIFFRACTION' ? 
c_angle_deg             1.3   ? ? ? 'X-RAY DIFFRACTION' ? 
c_angle_deg_na          ?     ? ? ? 'X-RAY DIFFRACTION' ? 
c_angle_deg_prot        ?     ? ? ? 'X-RAY DIFFRACTION' ? 
c_dihedral_angle_d      24.7  ? ? ? 'X-RAY DIFFRACTION' ? 
c_dihedral_angle_d_na   ?     ? ? ? 'X-RAY DIFFRACTION' ? 
c_dihedral_angle_d_prot ?     ? ? ? 'X-RAY DIFFRACTION' ? 
c_improper_angle_d      0.88  ? ? ? 'X-RAY DIFFRACTION' ? 
c_improper_angle_d_na   ?     ? ? ? 'X-RAY DIFFRACTION' ? 
c_improper_angle_d_prot ?     ? ? ? 'X-RAY DIFFRACTION' ? 
c_mcbond_it             ?     ? ? ? 'X-RAY DIFFRACTION' ? 
c_mcangle_it            ?     ? ? ? 'X-RAY DIFFRACTION' ? 
c_scbond_it             ?     ? ? ? 'X-RAY DIFFRACTION' ? 
c_scangle_it            ?     ? ? ? 'X-RAY DIFFRACTION' ? 
# 
_refine_ls_shell.pdbx_total_number_of_bins_used   6 
_refine_ls_shell.d_res_high                       2.20 
_refine_ls_shell.d_res_low                        2.34 
_refine_ls_shell.number_reflns_R_work             797 
_refine_ls_shell.R_factor_R_work                  0.316 
_refine_ls_shell.percent_reflns_obs               99.5 
_refine_ls_shell.R_factor_R_free                  0.331 
_refine_ls_shell.R_factor_R_free_error            0.055 
_refine_ls_shell.percent_reflns_R_free            4.3 
_refine_ls_shell.number_reflns_R_free             36 
_refine_ls_shell.number_reflns_obs                ? 
_refine_ls_shell.redundancy_reflns_obs            ? 
_refine_ls_shell.number_reflns_all                ? 
_refine_ls_shell.R_factor_all                     ? 
_refine_ls_shell.pdbx_refine_id                   'X-RAY DIFFRACTION' 
# 
_struct.entry_id                  1WV8 
_struct.title                     
'Crystal structure of hypothetical protein TTHA1013 from an extremely thermophilic bacterium thermus thermophilus HB8' 
_struct.pdbx_model_details        ? 
_struct.pdbx_CASP_flag            ? 
_struct.pdbx_model_type_details   ? 
# 
_struct_keywords.entry_id        1WV8 
_struct_keywords.pdbx_keywords   'STRUCTURAL GENOMICS, UNKNOWN FUNCTION' 
_struct_keywords.text            
'Hypothetical, STRUCTURAL GENOMICS, Unknown function, novel fold, RIKEN Structural Genomics/Proteomics Initiative, RSGI' 
# 
loop_
_struct_asym.id 
_struct_asym.pdbx_blank_PDB_chainid_flag 
_struct_asym.pdbx_modified 
_struct_asym.entity_id 
_struct_asym.details 
A N N 1 ? 
B N N 2 ? 
# 
_struct_ref.id                         1 
_struct_ref.db_name                    UNP 
_struct_ref.db_code                    Q5SJJ5_THET8 
_struct_ref.pdbx_db_accession          Q5SJJ5 
_struct_ref.entity_id                  1 
_struct_ref.pdbx_seq_one_letter_code   MRTLKVQALWDGEAGVWVAESDDVPGLATEAATLEELLAKLAVMVPELLEENGVALELPVELRLEATRPLVFS 
_struct_ref.pdbx_align_begin           1 
_struct_ref.pdbx_db_isoform            ? 
# 
_struct_ref_seq.align_id                      1 
_struct_ref_seq.ref_id                        1 
_struct_ref_seq.pdbx_PDB_id_code              1WV8 
_struct_ref_seq.pdbx_strand_id                A 
_struct_ref_seq.seq_align_beg                 1 
_struct_ref_seq.pdbx_seq_align_beg_ins_code   ? 
_struct_ref_seq.seq_align_end                 73 
_struct_ref_seq.pdbx_seq_align_end_ins_code   ? 
_struct_ref_seq.pdbx_db_accession             Q5SJJ5 
_struct_ref_seq.db_align_beg                  1 
_struct_ref_seq.pdbx_db_align_beg_ins_code    ? 
_struct_ref_seq.db_align_end                  73 
_struct_ref_seq.pdbx_db_align_end_ins_code    ? 
_struct_ref_seq.pdbx_auth_seq_align_beg       1 
_struct_ref_seq.pdbx_auth_seq_align_end       73 
# 
loop_
_struct_ref_seq_dif.align_id 
_struct_ref_seq_dif.pdbx_pdb_id_code 
_struct_ref_seq_dif.mon_id 
_struct_ref_seq_dif.pdbx_pdb_strand_id 
_struct_ref_seq_dif.seq_num 
_struct_ref_seq_dif.pdbx_pdb_ins_code 
_struct_ref_seq_dif.pdbx_seq_db_name 
_struct_ref_seq_dif.pdbx_seq_db_accession_code 
_struct_ref_seq_dif.db_mon_id 
_struct_ref_seq_dif.pdbx_seq_db_seq_num 
_struct_ref_seq_dif.details 
_struct_ref_seq_dif.pdbx_auth_seq_num 
_struct_ref_seq_dif.pdbx_ordinal 
1 1WV8 MSE A 1  ? UNP Q5SJJ5 MET 1  'modified residue' 1  1 
1 1WV8 MSE A 44 ? UNP Q5SJJ5 MET 44 'modified residue' 44 2 
# 
_pdbx_struct_assembly.id                   1 
_pdbx_struct_assembly.details              author_and_software_defined_assembly 
_pdbx_struct_assembly.method_details       PISA,PQS 
_pdbx_struct_assembly.oligomeric_details   dimeric 
_pdbx_struct_assembly.oligomeric_count     2 
# 
loop_
_pdbx_struct_assembly_prop.biol_id 
_pdbx_struct_assembly_prop.type 
_pdbx_struct_assembly_prop.value 
_pdbx_struct_assembly_prop.details 
1 'ABSA (A^2)' 2320 ? 
1 MORE         -15  ? 
1 'SSA (A^2)'  8050 ? 
# 
_pdbx_struct_assembly_gen.assembly_id       1 
_pdbx_struct_assembly_gen.oper_expression   1,2 
_pdbx_struct_assembly_gen.asym_id_list      A,B 
# 
loop_
_pdbx_struct_oper_list.id 
_pdbx_struct_oper_list.type 
_pdbx_struct_oper_list.name 
_pdbx_struct_oper_list.symmetry_operation 
_pdbx_struct_oper_list.matrix[1][1] 
_pdbx_struct_oper_list.matrix[1][2] 
_pdbx_struct_oper_list.matrix[1][3] 
_pdbx_struct_oper_list.vector[1] 
_pdbx_struct_oper_list.matrix[2][1] 
_pdbx_struct_oper_list.matrix[2][2] 
_pdbx_struct_oper_list.matrix[2][3] 
_pdbx_struct_oper_list.vector[2] 
_pdbx_struct_oper_list.matrix[3][1] 
_pdbx_struct_oper_list.matrix[3][2] 
_pdbx_struct_oper_list.matrix[3][3] 
_pdbx_struct_oper_list.vector[3] 
1 'identity operation'         1_555  x,y,z       1.0000000000  0.0000000000 0.0000000000  0.0000000000   0.0000000000 1.0000000000  0.0000000000  0.0000000000  0.0000000000  0.0000000000  1.0000000000 0.0000000000   
2 'crystal symmetry operation' 11_556 -x+y,y,-z+1 -0.3883734957 0.2290596538 -0.8925792418 -11.8930425188 0.2290596538 -0.9142150894 -0.3342789933 -9.1008517371 -0.8925792418 -0.3342789933 0.3025885851 -10.4850499893 
# 
_struct_biol.id                    1 
_struct_biol.pdbx_parent_biol_id   ? 
_struct_biol.details               ? 
# 
_struct_conf.conf_type_id            HELX_P 
_struct_conf.id                      HELX_P1 
_struct_conf.pdbx_PDB_helix_id       1 
_struct_conf.beg_label_comp_id       THR 
_struct_conf.beg_label_asym_id       A 
_struct_conf.beg_label_seq_id        33 
_struct_conf.pdbx_beg_PDB_ins_code   ? 
_struct_conf.end_label_comp_id       ASN 
_struct_conf.end_label_asym_id       A 
_struct_conf.end_label_seq_id        52 
_struct_conf.pdbx_end_PDB_ins_code   ? 
_struct_conf.beg_auth_comp_id        THR 
_struct_conf.beg_auth_asym_id        A 
_struct_conf.beg_auth_seq_id         33 
_struct_conf.end_auth_comp_id        ASN 
_struct_conf.end_auth_asym_id        A 
_struct_conf.end_auth_seq_id         52 
_struct_conf.pdbx_PDB_helix_class    1 
_struct_conf.details                 ? 
_struct_conf.pdbx_PDB_helix_length   20 
# 
_struct_conf_type.id          HELX_P 
_struct_conf_type.criteria    ? 
_struct_conf_type.reference   ? 
# 
loop_
_struct_conn.id 
_struct_conn.conn_type_id 
_struct_conn.pdbx_leaving_atom_flag 
_struct_conn.pdbx_PDB_id 
_struct_conn.ptnr1_label_asym_id 
_struct_conn.ptnr1_label_comp_id 
_struct_conn.ptnr1_label_seq_id 
_struct_conn.ptnr1_label_atom_id 
_struct_conn.pdbx_ptnr1_label_alt_id 
_struct_conn.pdbx_ptnr1_PDB_ins_code 
_struct_conn.pdbx_ptnr1_standard_comp_id 
_struct_conn.ptnr1_symmetry 
_struct_conn.ptnr2_label_asym_id 
_struct_conn.ptnr2_label_comp_id 
_struct_conn.ptnr2_label_seq_id 
_struct_conn.ptnr2_label_atom_id 
_struct_conn.pdbx_ptnr2_label_alt_id 
_struct_conn.pdbx_ptnr2_PDB_ins_code 
_struct_conn.ptnr1_auth_asym_id 
_struct_conn.ptnr1_auth_comp_id 
_struct_conn.ptnr1_auth_seq_id 
_struct_conn.ptnr2_auth_asym_id 
_struct_conn.ptnr2_auth_comp_id 
_struct_conn.ptnr2_auth_seq_id 
_struct_conn.ptnr2_symmetry 
_struct_conn.pdbx_ptnr3_label_atom_id 
_struct_conn.pdbx_ptnr3_label_seq_id 
_struct_conn.pdbx_ptnr3_label_comp_id 
_struct_conn.pdbx_ptnr3_label_asym_id 
_struct_conn.pdbx_ptnr3_label_alt_id 
_struct_conn.pdbx_ptnr3_PDB_ins_code 
_struct_conn.details 
_struct_conn.pdbx_dist_value 
_struct_conn.pdbx_value_order 
_struct_conn.pdbx_role 
covale1 covale both ? A VAL 43 C ? ? ? 1_555 A MSE 44 N ? ? A VAL 43 A MSE 44 1_555 ? ? ? ? ? ? ? 1.328 ? ? 
covale2 covale both ? A MSE 44 C ? ? ? 1_555 A VAL 45 N ? ? A MSE 44 A VAL 45 1_555 ? ? ? ? ? ? ? 1.329 ? ? 
# 
_struct_conn_type.id          covale 
_struct_conn_type.criteria    ? 
_struct_conn_type.reference   ? 
# 
_pdbx_modification_feature.ordinal                            1 
_pdbx_modification_feature.label_comp_id                      MSE 
_pdbx_modification_feature.label_asym_id                      A 
_pdbx_modification_feature.label_seq_id                       44 
_pdbx_modification_feature.label_alt_id                       ? 
_pdbx_modification_feature.modified_residue_label_comp_id     . 
_pdbx_modification_feature.modified_residue_label_asym_id     . 
_pdbx_modification_feature.modified_residue_label_seq_id      . 
_pdbx_modification_feature.modified_residue_label_alt_id      . 
_pdbx_modification_feature.auth_comp_id                       MSE 
_pdbx_modification_feature.auth_asym_id                       A 
_pdbx_modification_feature.auth_seq_id                        44 
_pdbx_modification_feature.PDB_ins_code                       ? 
_pdbx_modification_feature.symmetry                           1_555 
_pdbx_modification_feature.modified_residue_auth_comp_id      . 
_pdbx_modification_feature.modified_residue_auth_asym_id      . 
_pdbx_modification_feature.modified_residue_auth_seq_id       . 
_pdbx_modification_feature.modified_residue_PDB_ins_code      . 
_pdbx_modification_feature.modified_residue_symmetry          . 
_pdbx_modification_feature.comp_id_linking_atom               . 
_pdbx_modification_feature.modified_residue_id_linking_atom   . 
_pdbx_modification_feature.modified_residue_id                MET 
_pdbx_modification_feature.ref_pcm_id                         1 
_pdbx_modification_feature.ref_comp_id                        MSE 
_pdbx_modification_feature.type                               Selenomethionine 
_pdbx_modification_feature.category                           'Named protein modification' 
# 
_struct_mon_prot_cis.pdbx_id                1 
_struct_mon_prot_cis.label_comp_id          LEU 
_struct_mon_prot_cis.label_seq_id           58 
_struct_mon_prot_cis.label_asym_id          A 
_struct_mon_prot_cis.label_alt_id           . 
_struct_mon_prot_cis.pdbx_PDB_ins_code      ? 
_struct_mon_prot_cis.auth_comp_id           LEU 
_struct_mon_prot_cis.auth_seq_id            58 
_struct_mon_prot_cis.auth_asym_id           A 
_struct_mon_prot_cis.pdbx_label_comp_id_2   PRO 
_struct_mon_prot_cis.pdbx_label_seq_id_2    59 
_struct_mon_prot_cis.pdbx_label_asym_id_2   A 
_struct_mon_prot_cis.pdbx_PDB_ins_code_2    ? 
_struct_mon_prot_cis.pdbx_auth_comp_id_2    PRO 
_struct_mon_prot_cis.pdbx_auth_seq_id_2     59 
_struct_mon_prot_cis.pdbx_auth_asym_id_2    A 
_struct_mon_prot_cis.pdbx_PDB_model_num     1 
_struct_mon_prot_cis.pdbx_omega_angle       -0.23 
# 
_struct_sheet.id               A 
_struct_sheet.type             ? 
_struct_sheet.number_strands   4 
_struct_sheet.details          ? 
# 
loop_
_struct_sheet_order.sheet_id 
_struct_sheet_order.range_id_1 
_struct_sheet_order.range_id_2 
_struct_sheet_order.offset 
_struct_sheet_order.sense 
A 1 2 ? anti-parallel 
A 2 3 ? anti-parallel 
A 3 4 ? parallel      
# 
loop_
_struct_sheet_range.sheet_id 
_struct_sheet_range.id 
_struct_sheet_range.beg_label_comp_id 
_struct_sheet_range.beg_label_asym_id 
_struct_sheet_range.beg_label_seq_id 
_struct_sheet_range.pdbx_beg_PDB_ins_code 
_struct_sheet_range.end_label_comp_id 
_struct_sheet_range.end_label_asym_id 
_struct_sheet_range.end_label_seq_id 
_struct_sheet_range.pdbx_end_PDB_ins_code 
_struct_sheet_range.beg_auth_comp_id 
_struct_sheet_range.beg_auth_asym_id 
_struct_sheet_range.beg_auth_seq_id 
_struct_sheet_range.end_auth_comp_id 
_struct_sheet_range.end_auth_asym_id 
_struct_sheet_range.end_auth_seq_id 
A 1 GLU A 30 ? ALA A 31 ? GLU A 30 ALA A 31 
A 2 VAL A 16 ? GLU A 20 ? VAL A 16 GLU A 20 
A 3 THR A 3  ? ASP A 11 ? THR A 3  ASP A 11 
A 4 GLU A 61 ? GLU A 65 ? GLU A 61 GLU A 65 
# 
loop_
_pdbx_struct_sheet_hbond.sheet_id 
_pdbx_struct_sheet_hbond.range_id_1 
_pdbx_struct_sheet_hbond.range_id_2 
_pdbx_struct_sheet_hbond.range_1_label_atom_id 
_pdbx_struct_sheet_hbond.range_1_label_comp_id 
_pdbx_struct_sheet_hbond.range_1_label_asym_id 
_pdbx_struct_sheet_hbond.range_1_label_seq_id 
_pdbx_struct_sheet_hbond.range_1_PDB_ins_code 
_pdbx_struct_sheet_hbond.range_1_auth_atom_id 
_pdbx_struct_sheet_hbond.range_1_auth_comp_id 
_pdbx_struct_sheet_hbond.range_1_auth_asym_id 
_pdbx_struct_sheet_hbond.range_1_auth_seq_id 
_pdbx_struct_sheet_hbond.range_2_label_atom_id 
_pdbx_struct_sheet_hbond.range_2_label_comp_id 
_pdbx_struct_sheet_hbond.range_2_label_asym_id 
_pdbx_struct_sheet_hbond.range_2_label_seq_id 
_pdbx_struct_sheet_hbond.range_2_PDB_ins_code 
_pdbx_struct_sheet_hbond.range_2_auth_atom_id 
_pdbx_struct_sheet_hbond.range_2_auth_comp_id 
_pdbx_struct_sheet_hbond.range_2_auth_asym_id 
_pdbx_struct_sheet_hbond.range_2_auth_seq_id 
A 1 2 O ALA A 31 ? O ALA A 31 N TRP A 17 ? N TRP A 17 
A 2 3 O GLU A 20 ? O GLU A 20 N GLN A 7  ? N GLN A 7  
A 3 4 N VAL A 6  ? N VAL A 6  O GLU A 65 ? O GLU A 65 
# 
_pdbx_entry_details.entry_id                   1WV8 
_pdbx_entry_details.compound_details           ? 
_pdbx_entry_details.source_details             ? 
_pdbx_entry_details.nonpolymer_details         ? 
_pdbx_entry_details.sequence_details           ? 
_pdbx_entry_details.has_ligand_of_interest     ? 
_pdbx_entry_details.has_protein_modification   Y 
# 
_pdbx_validate_symm_contact.id                1 
_pdbx_validate_symm_contact.PDB_model_num     1 
_pdbx_validate_symm_contact.auth_atom_id_1    O 
_pdbx_validate_symm_contact.auth_asym_id_1    A 
_pdbx_validate_symm_contact.auth_comp_id_1    HOH 
_pdbx_validate_symm_contact.auth_seq_id_1     106 
_pdbx_validate_symm_contact.PDB_ins_code_1    ? 
_pdbx_validate_symm_contact.label_alt_id_1    ? 
_pdbx_validate_symm_contact.site_symmetry_1   1_555 
_pdbx_validate_symm_contact.auth_atom_id_2    O 
_pdbx_validate_symm_contact.auth_asym_id_2    A 
_pdbx_validate_symm_contact.auth_comp_id_2    HOH 
_pdbx_validate_symm_contact.auth_seq_id_2     106 
_pdbx_validate_symm_contact.PDB_ins_code_2    ? 
_pdbx_validate_symm_contact.label_alt_id_2    ? 
_pdbx_validate_symm_contact.site_symmetry_2   4_665 
_pdbx_validate_symm_contact.dist              1.60 
# 
_pdbx_validate_torsion.id              1 
_pdbx_validate_torsion.PDB_model_num   1 
_pdbx_validate_torsion.auth_comp_id    VAL 
_pdbx_validate_torsion.auth_asym_id    A 
_pdbx_validate_torsion.auth_seq_id     54 
_pdbx_validate_torsion.PDB_ins_code    ? 
_pdbx_validate_torsion.label_alt_id    ? 
_pdbx_validate_torsion.phi             -45.39 
_pdbx_validate_torsion.psi             -90.51 
# 
_pdbx_SG_project.id                    1 
_pdbx_SG_project.project_name          ? 
_pdbx_SG_project.full_name_of_center   'RIKEN Structural Genomics/Proteomics Initiative' 
_pdbx_SG_project.initial_of_center     RSGI 
# 
_pdbx_struct_mod_residue.id               1 
_pdbx_struct_mod_residue.label_asym_id    A 
_pdbx_struct_mod_residue.label_comp_id    MSE 
_pdbx_struct_mod_residue.label_seq_id     44 
_pdbx_struct_mod_residue.auth_asym_id     A 
_pdbx_struct_mod_residue.auth_comp_id     MSE 
_pdbx_struct_mod_residue.auth_seq_id      44 
_pdbx_struct_mod_residue.PDB_ins_code     ? 
_pdbx_struct_mod_residue.parent_comp_id   MET 
_pdbx_struct_mod_residue.details          SELENOMETHIONINE 
# 
loop_
_pdbx_struct_special_symmetry.id 
_pdbx_struct_special_symmetry.PDB_model_num 
_pdbx_struct_special_symmetry.auth_asym_id 
_pdbx_struct_special_symmetry.auth_comp_id 
_pdbx_struct_special_symmetry.auth_seq_id 
_pdbx_struct_special_symmetry.PDB_ins_code 
_pdbx_struct_special_symmetry.label_asym_id 
_pdbx_struct_special_symmetry.label_comp_id 
_pdbx_struct_special_symmetry.label_seq_id 
1 1 A HOH 85  ? B HOH . 
2 1 A HOH 110 ? B HOH . 
# 
loop_
_pdbx_unobs_or_zero_occ_residues.id 
_pdbx_unobs_or_zero_occ_residues.PDB_model_num 
_pdbx_unobs_or_zero_occ_residues.polymer_flag 
_pdbx_unobs_or_zero_occ_residues.occupancy_flag 
_pdbx_unobs_or_zero_occ_residues.auth_asym_id 
_pdbx_unobs_or_zero_occ_residues.auth_comp_id 
_pdbx_unobs_or_zero_occ_residues.auth_seq_id 
_pdbx_unobs_or_zero_occ_residues.PDB_ins_code 
_pdbx_unobs_or_zero_occ_residues.label_asym_id 
_pdbx_unobs_or_zero_occ_residues.label_comp_id 
_pdbx_unobs_or_zero_occ_residues.label_seq_id 
1 1 Y 1 A MSE 1  ? A MSE 1  
2 1 Y 1 A SER 73 ? A SER 73 
# 
loop_
_chem_comp_atom.comp_id 
_chem_comp_atom.atom_id 
_chem_comp_atom.type_symbol 
_chem_comp_atom.pdbx_aromatic_flag 
_chem_comp_atom.pdbx_stereo_config 
_chem_comp_atom.pdbx_ordinal 
ALA N    N  N N 1   
ALA CA   C  N S 2   
ALA C    C  N N 3   
ALA O    O  N N 4   
ALA CB   C  N N 5   
ALA OXT  O  N N 6   
ALA H    H  N N 7   
ALA H2   H  N N 8   
ALA HA   H  N N 9   
ALA HB1  H  N N 10  
ALA HB2  H  N N 11  
ALA HB3  H  N N 12  
ALA HXT  H  N N 13  
ARG N    N  N N 14  
ARG CA   C  N S 15  
ARG C    C  N N 16  
ARG O    O  N N 17  
ARG CB   C  N N 18  
ARG CG   C  N N 19  
ARG CD   C  N N 20  
ARG NE   N  N N 21  
ARG CZ   C  N N 22  
ARG NH1  N  N N 23  
ARG NH2  N  N N 24  
ARG OXT  O  N N 25  
ARG H    H  N N 26  
ARG H2   H  N N 27  
ARG HA   H  N N 28  
ARG HB2  H  N N 29  
ARG HB3  H  N N 30  
ARG HG2  H  N N 31  
ARG HG3  H  N N 32  
ARG HD2  H  N N 33  
ARG HD3  H  N N 34  
ARG HE   H  N N 35  
ARG HH11 H  N N 36  
ARG HH12 H  N N 37  
ARG HH21 H  N N 38  
ARG HH22 H  N N 39  
ARG HXT  H  N N 40  
ASN N    N  N N 41  
ASN CA   C  N S 42  
ASN C    C  N N 43  
ASN O    O  N N 44  
ASN CB   C  N N 45  
ASN CG   C  N N 46  
ASN OD1  O  N N 47  
ASN ND2  N  N N 48  
ASN OXT  O  N N 49  
ASN H    H  N N 50  
ASN H2   H  N N 51  
ASN HA   H  N N 52  
ASN HB2  H  N N 53  
ASN HB3  H  N N 54  
ASN HD21 H  N N 55  
ASN HD22 H  N N 56  
ASN HXT  H  N N 57  
ASP N    N  N N 58  
ASP CA   C  N S 59  
ASP C    C  N N 60  
ASP O    O  N N 61  
ASP CB   C  N N 62  
ASP CG   C  N N 63  
ASP OD1  O  N N 64  
ASP OD2  O  N N 65  
ASP OXT  O  N N 66  
ASP H    H  N N 67  
ASP H2   H  N N 68  
ASP HA   H  N N 69  
ASP HB2  H  N N 70  
ASP HB3  H  N N 71  
ASP HD2  H  N N 72  
ASP HXT  H  N N 73  
GLN N    N  N N 74  
GLN CA   C  N S 75  
GLN C    C  N N 76  
GLN O    O  N N 77  
GLN CB   C  N N 78  
GLN CG   C  N N 79  
GLN CD   C  N N 80  
GLN OE1  O  N N 81  
GLN NE2  N  N N 82  
GLN OXT  O  N N 83  
GLN H    H  N N 84  
GLN H2   H  N N 85  
GLN HA   H  N N 86  
GLN HB2  H  N N 87  
GLN HB3  H  N N 88  
GLN HG2  H  N N 89  
GLN HG3  H  N N 90  
GLN HE21 H  N N 91  
GLN HE22 H  N N 92  
GLN HXT  H  N N 93  
GLU N    N  N N 94  
GLU CA   C  N S 95  
GLU C    C  N N 96  
GLU O    O  N N 97  
GLU CB   C  N N 98  
GLU CG   C  N N 99  
GLU CD   C  N N 100 
GLU OE1  O  N N 101 
GLU OE2  O  N N 102 
GLU OXT  O  N N 103 
GLU H    H  N N 104 
GLU H2   H  N N 105 
GLU HA   H  N N 106 
GLU HB2  H  N N 107 
GLU HB3  H  N N 108 
GLU HG2  H  N N 109 
GLU HG3  H  N N 110 
GLU HE2  H  N N 111 
GLU HXT  H  N N 112 
GLY N    N  N N 113 
GLY CA   C  N N 114 
GLY C    C  N N 115 
GLY O    O  N N 116 
GLY OXT  O  N N 117 
GLY H    H  N N 118 
GLY H2   H  N N 119 
GLY HA2  H  N N 120 
GLY HA3  H  N N 121 
GLY HXT  H  N N 122 
HOH O    O  N N 123 
HOH H1   H  N N 124 
HOH H2   H  N N 125 
LEU N    N  N N 126 
LEU CA   C  N S 127 
LEU C    C  N N 128 
LEU O    O  N N 129 
LEU CB   C  N N 130 
LEU CG   C  N N 131 
LEU CD1  C  N N 132 
LEU CD2  C  N N 133 
LEU OXT  O  N N 134 
LEU H    H  N N 135 
LEU H2   H  N N 136 
LEU HA   H  N N 137 
LEU HB2  H  N N 138 
LEU HB3  H  N N 139 
LEU HG   H  N N 140 
LEU HD11 H  N N 141 
LEU HD12 H  N N 142 
LEU HD13 H  N N 143 
LEU HD21 H  N N 144 
LEU HD22 H  N N 145 
LEU HD23 H  N N 146 
LEU HXT  H  N N 147 
LYS N    N  N N 148 
LYS CA   C  N S 149 
LYS C    C  N N 150 
LYS O    O  N N 151 
LYS CB   C  N N 152 
LYS CG   C  N N 153 
LYS CD   C  N N 154 
LYS CE   C  N N 155 
LYS NZ   N  N N 156 
LYS OXT  O  N N 157 
LYS H    H  N N 158 
LYS H2   H  N N 159 
LYS HA   H  N N 160 
LYS HB2  H  N N 161 
LYS HB3  H  N N 162 
LYS HG2  H  N N 163 
LYS HG3  H  N N 164 
LYS HD2  H  N N 165 
LYS HD3  H  N N 166 
LYS HE2  H  N N 167 
LYS HE3  H  N N 168 
LYS HZ1  H  N N 169 
LYS HZ2  H  N N 170 
LYS HZ3  H  N N 171 
LYS HXT  H  N N 172 
MET N    N  N N 173 
MET CA   C  N S 174 
MET C    C  N N 175 
MET O    O  N N 176 
MET CB   C  N N 177 
MET CG   C  N N 178 
MET SD   S  N N 179 
MET CE   C  N N 180 
MET OXT  O  N N 181 
MET H    H  N N 182 
MET H2   H  N N 183 
MET HA   H  N N 184 
MET HB2  H  N N 185 
MET HB3  H  N N 186 
MET HG2  H  N N 187 
MET HG3  H  N N 188 
MET HE1  H  N N 189 
MET HE2  H  N N 190 
MET HE3  H  N N 191 
MET HXT  H  N N 192 
MSE N    N  N N 193 
MSE CA   C  N S 194 
MSE C    C  N N 195 
MSE O    O  N N 196 
MSE OXT  O  N N 197 
MSE CB   C  N N 198 
MSE CG   C  N N 199 
MSE SE   SE N N 200 
MSE CE   C  N N 201 
MSE H    H  N N 202 
MSE H2   H  N N 203 
MSE HA   H  N N 204 
MSE HXT  H  N N 205 
MSE HB2  H  N N 206 
MSE HB3  H  N N 207 
MSE HG2  H  N N 208 
MSE HG3  H  N N 209 
MSE HE1  H  N N 210 
MSE HE2  H  N N 211 
MSE HE3  H  N N 212 
PHE N    N  N N 213 
PHE CA   C  N S 214 
PHE C    C  N N 215 
PHE O    O  N N 216 
PHE CB   C  N N 217 
PHE CG   C  Y N 218 
PHE CD1  C  Y N 219 
PHE CD2  C  Y N 220 
PHE CE1  C  Y N 221 
PHE CE2  C  Y N 222 
PHE CZ   C  Y N 223 
PHE OXT  O  N N 224 
PHE H    H  N N 225 
PHE H2   H  N N 226 
PHE HA   H  N N 227 
PHE HB2  H  N N 228 
PHE HB3  H  N N 229 
PHE HD1  H  N N 230 
PHE HD2  H  N N 231 
PHE HE1  H  N N 232 
PHE HE2  H  N N 233 
PHE HZ   H  N N 234 
PHE HXT  H  N N 235 
PRO N    N  N N 236 
PRO CA   C  N S 237 
PRO C    C  N N 238 
PRO O    O  N N 239 
PRO CB   C  N N 240 
PRO CG   C  N N 241 
PRO CD   C  N N 242 
PRO OXT  O  N N 243 
PRO H    H  N N 244 
PRO HA   H  N N 245 
PRO HB2  H  N N 246 
PRO HB3  H  N N 247 
PRO HG2  H  N N 248 
PRO HG3  H  N N 249 
PRO HD2  H  N N 250 
PRO HD3  H  N N 251 
PRO HXT  H  N N 252 
SER N    N  N N 253 
SER CA   C  N S 254 
SER C    C  N N 255 
SER O    O  N N 256 
SER CB   C  N N 257 
SER OG   O  N N 258 
SER OXT  O  N N 259 
SER H    H  N N 260 
SER H2   H  N N 261 
SER HA   H  N N 262 
SER HB2  H  N N 263 
SER HB3  H  N N 264 
SER HG   H  N N 265 
SER HXT  H  N N 266 
THR N    N  N N 267 
THR CA   C  N S 268 
THR C    C  N N 269 
THR O    O  N N 270 
THR CB   C  N R 271 
THR OG1  O  N N 272 
THR CG2  C  N N 273 
THR OXT  O  N N 274 
THR H    H  N N 275 
THR H2   H  N N 276 
THR HA   H  N N 277 
THR HB   H  N N 278 
THR HG1  H  N N 279 
THR HG21 H  N N 280 
THR HG22 H  N N 281 
THR HG23 H  N N 282 
THR HXT  H  N N 283 
TRP N    N  N N 284 
TRP CA   C  N S 285 
TRP C    C  N N 286 
TRP O    O  N N 287 
TRP CB   C  N N 288 
TRP CG   C  Y N 289 
TRP CD1  C  Y N 290 
TRP CD2  C  Y N 291 
TRP NE1  N  Y N 292 
TRP CE2  C  Y N 293 
TRP CE3  C  Y N 294 
TRP CZ2  C  Y N 295 
TRP CZ3  C  Y N 296 
TRP CH2  C  Y N 297 
TRP OXT  O  N N 298 
TRP H    H  N N 299 
TRP H2   H  N N 300 
TRP HA   H  N N 301 
TRP HB2  H  N N 302 
TRP HB3  H  N N 303 
TRP HD1  H  N N 304 
TRP HE1  H  N N 305 
TRP HE3  H  N N 306 
TRP HZ2  H  N N 307 
TRP HZ3  H  N N 308 
TRP HH2  H  N N 309 
TRP HXT  H  N N 310 
VAL N    N  N N 311 
VAL CA   C  N S 312 
VAL C    C  N N 313 
VAL O    O  N N 314 
VAL CB   C  N N 315 
VAL CG1  C  N N 316 
VAL CG2  C  N N 317 
VAL OXT  O  N N 318 
VAL H    H  N N 319 
VAL H2   H  N N 320 
VAL HA   H  N N 321 
VAL HB   H  N N 322 
VAL HG11 H  N N 323 
VAL HG12 H  N N 324 
VAL HG13 H  N N 325 
VAL HG21 H  N N 326 
VAL HG22 H  N N 327 
VAL HG23 H  N N 328 
VAL HXT  H  N N 329 
# 
loop_
_chem_comp_bond.comp_id 
_chem_comp_bond.atom_id_1 
_chem_comp_bond.atom_id_2 
_chem_comp_bond.value_order 
_chem_comp_bond.pdbx_aromatic_flag 
_chem_comp_bond.pdbx_stereo_config 
_chem_comp_bond.pdbx_ordinal 
ALA N   CA   sing N N 1   
ALA N   H    sing N N 2   
ALA N   H2   sing N N 3   
ALA CA  C    sing N N 4   
ALA CA  CB   sing N N 5   
ALA CA  HA   sing N N 6   
ALA C   O    doub N N 7   
ALA C   OXT  sing N N 8   
ALA CB  HB1  sing N N 9   
ALA CB  HB2  sing N N 10  
ALA CB  HB3  sing N N 11  
ALA OXT HXT  sing N N 12  
ARG N   CA   sing N N 13  
ARG N   H    sing N N 14  
ARG N   H2   sing N N 15  
ARG CA  C    sing N N 16  
ARG CA  CB   sing N N 17  
ARG CA  HA   sing N N 18  
ARG C   O    doub N N 19  
ARG C   OXT  sing N N 20  
ARG CB  CG   sing N N 21  
ARG CB  HB2  sing N N 22  
ARG CB  HB3  sing N N 23  
ARG CG  CD   sing N N 24  
ARG CG  HG2  sing N N 25  
ARG CG  HG3  sing N N 26  
ARG CD  NE   sing N N 27  
ARG CD  HD2  sing N N 28  
ARG CD  HD3  sing N N 29  
ARG NE  CZ   sing N N 30  
ARG NE  HE   sing N N 31  
ARG CZ  NH1  sing N N 32  
ARG CZ  NH2  doub N N 33  
ARG NH1 HH11 sing N N 34  
ARG NH1 HH12 sing N N 35  
ARG NH2 HH21 sing N N 36  
ARG NH2 HH22 sing N N 37  
ARG OXT HXT  sing N N 38  
ASN N   CA   sing N N 39  
ASN N   H    sing N N 40  
ASN N   H2   sing N N 41  
ASN CA  C    sing N N 42  
ASN CA  CB   sing N N 43  
ASN CA  HA   sing N N 44  
ASN C   O    doub N N 45  
ASN C   OXT  sing N N 46  
ASN CB  CG   sing N N 47  
ASN CB  HB2  sing N N 48  
ASN CB  HB3  sing N N 49  
ASN CG  OD1  doub N N 50  
ASN CG  ND2  sing N N 51  
ASN ND2 HD21 sing N N 52  
ASN ND2 HD22 sing N N 53  
ASN OXT HXT  sing N N 54  
ASP N   CA   sing N N 55  
ASP N   H    sing N N 56  
ASP N   H2   sing N N 57  
ASP CA  C    sing N N 58  
ASP CA  CB   sing N N 59  
ASP CA  HA   sing N N 60  
ASP C   O    doub N N 61  
ASP C   OXT  sing N N 62  
ASP CB  CG   sing N N 63  
ASP CB  HB2  sing N N 64  
ASP CB  HB3  sing N N 65  
ASP CG  OD1  doub N N 66  
ASP CG  OD2  sing N N 67  
ASP OD2 HD2  sing N N 68  
ASP OXT HXT  sing N N 69  
GLN N   CA   sing N N 70  
GLN N   H    sing N N 71  
GLN N   H2   sing N N 72  
GLN CA  C    sing N N 73  
GLN CA  CB   sing N N 74  
GLN CA  HA   sing N N 75  
GLN C   O    doub N N 76  
GLN C   OXT  sing N N 77  
GLN CB  CG   sing N N 78  
GLN CB  HB2  sing N N 79  
GLN CB  HB3  sing N N 80  
GLN CG  CD   sing N N 81  
GLN CG  HG2  sing N N 82  
GLN CG  HG3  sing N N 83  
GLN CD  OE1  doub N N 84  
GLN CD  NE2  sing N N 85  
GLN NE2 HE21 sing N N 86  
GLN NE2 HE22 sing N N 87  
GLN OXT HXT  sing N N 88  
GLU N   CA   sing N N 89  
GLU N   H    sing N N 90  
GLU N   H2   sing N N 91  
GLU CA  C    sing N N 92  
GLU CA  CB   sing N N 93  
GLU CA  HA   sing N N 94  
GLU C   O    doub N N 95  
GLU C   OXT  sing N N 96  
GLU CB  CG   sing N N 97  
GLU CB  HB2  sing N N 98  
GLU CB  HB3  sing N N 99  
GLU CG  CD   sing N N 100 
GLU CG  HG2  sing N N 101 
GLU CG  HG3  sing N N 102 
GLU CD  OE1  doub N N 103 
GLU CD  OE2  sing N N 104 
GLU OE2 HE2  sing N N 105 
GLU OXT HXT  sing N N 106 
GLY N   CA   sing N N 107 
GLY N   H    sing N N 108 
GLY N   H2   sing N N 109 
GLY CA  C    sing N N 110 
GLY CA  HA2  sing N N 111 
GLY CA  HA3  sing N N 112 
GLY C   O    doub N N 113 
GLY C   OXT  sing N N 114 
GLY OXT HXT  sing N N 115 
HOH O   H1   sing N N 116 
HOH O   H2   sing N N 117 
LEU N   CA   sing N N 118 
LEU N   H    sing N N 119 
LEU N   H2   sing N N 120 
LEU CA  C    sing N N 121 
LEU CA  CB   sing N N 122 
LEU CA  HA   sing N N 123 
LEU C   O    doub N N 124 
LEU C   OXT  sing N N 125 
LEU CB  CG   sing N N 126 
LEU CB  HB2  sing N N 127 
LEU CB  HB3  sing N N 128 
LEU CG  CD1  sing N N 129 
LEU CG  CD2  sing N N 130 
LEU CG  HG   sing N N 131 
LEU CD1 HD11 sing N N 132 
LEU CD1 HD12 sing N N 133 
LEU CD1 HD13 sing N N 134 
LEU CD2 HD21 sing N N 135 
LEU CD2 HD22 sing N N 136 
LEU CD2 HD23 sing N N 137 
LEU OXT HXT  sing N N 138 
LYS N   CA   sing N N 139 
LYS N   H    sing N N 140 
LYS N   H2   sing N N 141 
LYS CA  C    sing N N 142 
LYS CA  CB   sing N N 143 
LYS CA  HA   sing N N 144 
LYS C   O    doub N N 145 
LYS C   OXT  sing N N 146 
LYS CB  CG   sing N N 147 
LYS CB  HB2  sing N N 148 
LYS CB  HB3  sing N N 149 
LYS CG  CD   sing N N 150 
LYS CG  HG2  sing N N 151 
LYS CG  HG3  sing N N 152 
LYS CD  CE   sing N N 153 
LYS CD  HD2  sing N N 154 
LYS CD  HD3  sing N N 155 
LYS CE  NZ   sing N N 156 
LYS CE  HE2  sing N N 157 
LYS CE  HE3  sing N N 158 
LYS NZ  HZ1  sing N N 159 
LYS NZ  HZ2  sing N N 160 
LYS NZ  HZ3  sing N N 161 
LYS OXT HXT  sing N N 162 
MET N   CA   sing N N 163 
MET N   H    sing N N 164 
MET N   H2   sing N N 165 
MET CA  C    sing N N 166 
MET CA  CB   sing N N 167 
MET CA  HA   sing N N 168 
MET C   O    doub N N 169 
MET C   OXT  sing N N 170 
MET CB  CG   sing N N 171 
MET CB  HB2  sing N N 172 
MET CB  HB3  sing N N 173 
MET CG  SD   sing N N 174 
MET CG  HG2  sing N N 175 
MET CG  HG3  sing N N 176 
MET SD  CE   sing N N 177 
MET CE  HE1  sing N N 178 
MET CE  HE2  sing N N 179 
MET CE  HE3  sing N N 180 
MET OXT HXT  sing N N 181 
MSE N   CA   sing N N 182 
MSE N   H    sing N N 183 
MSE N   H2   sing N N 184 
MSE CA  C    sing N N 185 
MSE CA  CB   sing N N 186 
MSE CA  HA   sing N N 187 
MSE C   O    doub N N 188 
MSE C   OXT  sing N N 189 
MSE OXT HXT  sing N N 190 
MSE CB  CG   sing N N 191 
MSE CB  HB2  sing N N 192 
MSE CB  HB3  sing N N 193 
MSE CG  SE   sing N N 194 
MSE CG  HG2  sing N N 195 
MSE CG  HG3  sing N N 196 
MSE SE  CE   sing N N 197 
MSE CE  HE1  sing N N 198 
MSE CE  HE2  sing N N 199 
MSE CE  HE3  sing N N 200 
PHE N   CA   sing N N 201 
PHE N   H    sing N N 202 
PHE N   H2   sing N N 203 
PHE CA  C    sing N N 204 
PHE CA  CB   sing N N 205 
PHE CA  HA   sing N N 206 
PHE C   O    doub N N 207 
PHE C   OXT  sing N N 208 
PHE CB  CG   sing N N 209 
PHE CB  HB2  sing N N 210 
PHE CB  HB3  sing N N 211 
PHE CG  CD1  doub Y N 212 
PHE CG  CD2  sing Y N 213 
PHE CD1 CE1  sing Y N 214 
PHE CD1 HD1  sing N N 215 
PHE CD2 CE2  doub Y N 216 
PHE CD2 HD2  sing N N 217 
PHE CE1 CZ   doub Y N 218 
PHE CE1 HE1  sing N N 219 
PHE CE2 CZ   sing Y N 220 
PHE CE2 HE2  sing N N 221 
PHE CZ  HZ   sing N N 222 
PHE OXT HXT  sing N N 223 
PRO N   CA   sing N N 224 
PRO N   CD   sing N N 225 
PRO N   H    sing N N 226 
PRO CA  C    sing N N 227 
PRO CA  CB   sing N N 228 
PRO CA  HA   sing N N 229 
PRO C   O    doub N N 230 
PRO C   OXT  sing N N 231 
PRO CB  CG   sing N N 232 
PRO CB  HB2  sing N N 233 
PRO CB  HB3  sing N N 234 
PRO CG  CD   sing N N 235 
PRO CG  HG2  sing N N 236 
PRO CG  HG3  sing N N 237 
PRO CD  HD2  sing N N 238 
PRO CD  HD3  sing N N 239 
PRO OXT HXT  sing N N 240 
SER N   CA   sing N N 241 
SER N   H    sing N N 242 
SER N   H2   sing N N 243 
SER CA  C    sing N N 244 
SER CA  CB   sing N N 245 
SER CA  HA   sing N N 246 
SER C   O    doub N N 247 
SER C   OXT  sing N N 248 
SER CB  OG   sing N N 249 
SER CB  HB2  sing N N 250 
SER CB  HB3  sing N N 251 
SER OG  HG   sing N N 252 
SER OXT HXT  sing N N 253 
THR N   CA   sing N N 254 
THR N   H    sing N N 255 
THR N   H2   sing N N 256 
THR CA  C    sing N N 257 
THR CA  CB   sing N N 258 
THR CA  HA   sing N N 259 
THR C   O    doub N N 260 
THR C   OXT  sing N N 261 
THR CB  OG1  sing N N 262 
THR CB  CG2  sing N N 263 
THR CB  HB   sing N N 264 
THR OG1 HG1  sing N N 265 
THR CG2 HG21 sing N N 266 
THR CG2 HG22 sing N N 267 
THR CG2 HG23 sing N N 268 
THR OXT HXT  sing N N 269 
TRP N   CA   sing N N 270 
TRP N   H    sing N N 271 
TRP N   H2   sing N N 272 
TRP CA  C    sing N N 273 
TRP CA  CB   sing N N 274 
TRP CA  HA   sing N N 275 
TRP C   O    doub N N 276 
TRP C   OXT  sing N N 277 
TRP CB  CG   sing N N 278 
TRP CB  HB2  sing N N 279 
TRP CB  HB3  sing N N 280 
TRP CG  CD1  doub Y N 281 
TRP CG  CD2  sing Y N 282 
TRP CD1 NE1  sing Y N 283 
TRP CD1 HD1  sing N N 284 
TRP CD2 CE2  doub Y N 285 
TRP CD2 CE3  sing Y N 286 
TRP NE1 CE2  sing Y N 287 
TRP NE1 HE1  sing N N 288 
TRP CE2 CZ2  sing Y N 289 
TRP CE3 CZ3  doub Y N 290 
TRP CE3 HE3  sing N N 291 
TRP CZ2 CH2  doub Y N 292 
TRP CZ2 HZ2  sing N N 293 
TRP CZ3 CH2  sing Y N 294 
TRP CZ3 HZ3  sing N N 295 
TRP CH2 HH2  sing N N 296 
TRP OXT HXT  sing N N 297 
VAL N   CA   sing N N 298 
VAL N   H    sing N N 299 
VAL N   H2   sing N N 300 
VAL CA  C    sing N N 301 
VAL CA  CB   sing N N 302 
VAL CA  HA   sing N N 303 
VAL C   O    doub N N 304 
VAL C   OXT  sing N N 305 
VAL CB  CG1  sing N N 306 
VAL CB  CG2  sing N N 307 
VAL CB  HB   sing N N 308 
VAL CG1 HG11 sing N N 309 
VAL CG1 HG12 sing N N 310 
VAL CG1 HG13 sing N N 311 
VAL CG2 HG21 sing N N 312 
VAL CG2 HG22 sing N N 313 
VAL CG2 HG23 sing N N 314 
VAL OXT HXT  sing N N 315 
# 
_atom_sites.entry_id                    1WV8 
_atom_sites.fract_transf_matrix[1][1]   0.00164776 
_atom_sites.fract_transf_matrix[1][2]   0.02096174 
_atom_sites.fract_transf_matrix[1][3]   -0.00727670 
_atom_sites.fract_transf_matrix[2][1]   0.01230434 
_atom_sites.fract_transf_matrix[2][2]   0.00460808 
_atom_sites.fract_transf_matrix[2][3]   -0.01795637 
_atom_sites.fract_transf_matrix[3][1]   -0.00679276 
_atom_sites.fract_transf_matrix[3][2]   -0.00118766 
_atom_sites.fract_transf_matrix[3][3]   -0.00495942 
_atom_sites.fract_transf_vector[1]      0.301740 
_atom_sites.fract_transf_vector[2]      0.469410 
_atom_sites.fract_transf_vector[3]      0.428189 
# 
loop_
_atom_type.symbol 
C  
N  
O  
SE 
# 
loop_
_atom_site.group_PDB 
_atom_site.id 
_atom_site.type_symbol 
_atom_site.label_atom_id 
_atom_site.label_alt_id 
_atom_site.label_comp_id 
_atom_site.label_asym_id 
_atom_site.label_entity_id 
_atom_site.label_seq_id 
_atom_site.pdbx_PDB_ins_code 
_atom_site.Cartn_x 
_atom_site.Cartn_y 
_atom_site.Cartn_z 
_atom_site.occupancy 
_atom_site.B_iso_or_equiv 
_atom_site.pdbx_formal_charge 
_atom_site.auth_seq_id 
_atom_site.auth_comp_id 
_atom_site.auth_asym_id 
_atom_site.auth_atom_id 
_atom_site.pdbx_PDB_model_num 
ATOM   1   N  N   . ARG A 1 2  ? -0.803  -10.062 10.423  1.00 71.92  ? 2   ARG A N   1 
ATOM   2   C  CA  . ARG A 1 2  ? -1.561  -10.968 9.507   1.00 71.14  ? 2   ARG A CA  1 
ATOM   3   C  C   . ARG A 1 2  ? -1.638  -10.360 8.105   1.00 62.35  ? 2   ARG A C   1 
ATOM   4   O  O   . ARG A 1 2  ? -0.669  -10.400 7.342   1.00 62.76  ? 2   ARG A O   1 
ATOM   5   C  CB  . ARG A 1 2  ? -2.968  -11.187 10.065  1.00 73.99  ? 2   ARG A CB  1 
ATOM   6   C  CG  . ARG A 1 2  ? -3.799  -12.222 9.328   1.00 79.32  ? 2   ARG A CG  1 
ATOM   7   C  CD  . ARG A 1 2  ? -5.214  -12.286 9.881   1.00 82.73  ? 2   ARG A CD  1 
ATOM   8   N  NE  . ARG A 1 2  ? -6.097  -11.253 9.331   1.00 95.70  ? 2   ARG A NE  1 
ATOM   9   C  CZ  . ARG A 1 2  ? -6.013  -9.946  9.595   1.00 96.14  ? 2   ARG A CZ  1 
ATOM   10  N  NH1 . ARG A 1 2  ? -5.078  -9.474  10.416  1.00 94.59  ? 2   ARG A NH1 1 
ATOM   11  N  NH2 . ARG A 1 2  ? -6.880  -9.100  9.042   1.00 90.25  ? 2   ARG A NH2 1 
ATOM   12  N  N   . THR A 1 3  ? -2.797  -9.800  7.777   1.00 57.89  ? 3   THR A N   1 
ATOM   13  C  CA  . THR A 1 3  ? -3.016  -9.163  6.486   1.00 57.80  ? 3   THR A CA  1 
ATOM   14  C  C   . THR A 1 3  ? -3.039  -7.650  6.642   1.00 53.60  ? 3   THR A C   1 
ATOM   15  O  O   . THR A 1 3  ? -3.831  -7.114  7.414   1.00 47.64  ? 3   THR A O   1 
ATOM   16  C  CB  . THR A 1 3  ? -4.351  -9.590  5.878   1.00 59.43  ? 3   THR A CB  1 
ATOM   17  O  OG1 . THR A 1 3  ? -4.307  -10.987 5.568   1.00 59.85  ? 3   THR A OG1 1 
ATOM   18  C  CG2 . THR A 1 3  ? -4.642  -8.792  4.607   1.00 53.97  ? 3   THR A CG2 1 
ATOM   19  N  N   . LEU A 1 4  ? -2.152  -6.974  5.921   1.00 49.82  ? 4   LEU A N   1 
ATOM   20  C  CA  . LEU A 1 4  ? -2.076  -5.519  5.963   1.00 48.62  ? 4   LEU A CA  1 
ATOM   21  C  C   . LEU A 1 4  ? -2.745  -4.968  4.711   1.00 42.99  ? 4   LEU A C   1 
ATOM   22  O  O   . LEU A 1 4  ? -2.252  -5.157  3.596   1.00 43.77  ? 4   LEU A O   1 
ATOM   23  C  CB  . LEU A 1 4  ? -0.622  -5.055  5.998   1.00 41.29  ? 4   LEU A CB  1 
ATOM   24  C  CG  . LEU A 1 4  ? 0.240   -5.462  7.191   1.00 47.24  ? 4   LEU A CG  1 
ATOM   25  C  CD1 . LEU A 1 4  ? 1.692   -5.114  6.953   1.00 55.89  ? 4   LEU A CD1 1 
ATOM   26  C  CD2 . LEU A 1 4  ? -0.294  -4.763  8.422   1.00 49.44  ? 4   LEU A CD2 1 
ATOM   27  N  N   . LYS A 1 5  ? -3.869  -4.294  4.904   1.00 37.20  ? 5   LYS A N   1 
ATOM   28  C  CA  . LYS A 1 5  ? -4.607  -3.723  3.796   1.00 36.61  ? 5   LYS A CA  1 
ATOM   29  C  C   . LYS A 1 5  ? -4.032  -2.364  3.423   1.00 37.60  ? 5   LYS A C   1 
ATOM   30  O  O   . LYS A 1 5  ? -3.883  -1.487  4.271   1.00 45.45  ? 5   LYS A O   1 
ATOM   31  C  CB  . LYS A 1 5  ? -6.080  -3.598  4.181   1.00 40.78  ? 5   LYS A CB  1 
ATOM   32  C  CG  . LYS A 1 5  ? -6.713  -4.928  4.571   1.00 53.70  ? 5   LYS A CG  1 
ATOM   33  C  CD  . LYS A 1 5  ? -8.185  -4.764  4.911   1.00 62.41  ? 5   LYS A CD  1 
ATOM   34  C  CE  . LYS A 1 5  ? -8.800  -6.079  5.363   1.00 72.26  ? 5   LYS A CE  1 
ATOM   35  N  NZ  . LYS A 1 5  ? -10.249 -5.936  5.698   1.00 73.84  ? 5   LYS A NZ  1 
ATOM   36  N  N   . VAL A 1 6  ? -3.698  -2.208  2.147   1.00 38.58  ? 6   VAL A N   1 
ATOM   37  C  CA  . VAL A 1 6  ? -3.152  -0.962  1.618   1.00 37.95  ? 6   VAL A CA  1 
ATOM   38  C  C   . VAL A 1 6  ? -3.976  -0.542  0.406   1.00 40.98  ? 6   VAL A C   1 
ATOM   39  O  O   . VAL A 1 6  ? -4.173  -1.331  -0.533  1.00 31.18  ? 6   VAL A O   1 
ATOM   40  C  CB  . VAL A 1 6  ? -1.689  -1.137  1.168   1.00 27.90  ? 6   VAL A CB  1 
ATOM   41  C  CG1 . VAL A 1 6  ? -1.156  0.161   0.541   1.00 37.78  ? 6   VAL A CG1 1 
ATOM   42  C  CG2 . VAL A 1 6  ? -0.838  -1.542  2.358   1.00 35.05  ? 6   VAL A CG2 1 
ATOM   43  N  N   . GLN A 1 7  ? -4.470  0.692   0.418   1.00 32.58  ? 7   GLN A N   1 
ATOM   44  C  CA  . GLN A 1 7  ? -5.251  1.166   -0.713  1.00 22.36  ? 7   GLN A CA  1 
ATOM   45  C  C   . GLN A 1 7  ? -4.378  1.887   -1.726  1.00 28.84  ? 7   GLN A C   1 
ATOM   46  O  O   . GLN A 1 7  ? -3.458  2.625   -1.365  1.00 29.45  ? 7   GLN A O   1 
ATOM   47  C  CB  . GLN A 1 7  ? -6.368  2.103   -0.272  1.00 30.14  ? 7   GLN A CB  1 
ATOM   48  C  CG  . GLN A 1 7  ? -7.484  1.456   0.507   1.00 20.13  ? 7   GLN A CG  1 
ATOM   49  C  CD  . GLN A 1 7  ? -7.156  1.317   1.973   1.00 44.17  ? 7   GLN A CD  1 
ATOM   50  O  OE1 . GLN A 1 7  ? -6.788  2.288   2.624   1.00 40.71  ? 7   GLN A OE1 1 
ATOM   51  N  NE2 . GLN A 1 7  ? -7.299  0.106   2.508   1.00 46.78  ? 7   GLN A NE2 1 
ATOM   52  N  N   . ALA A 1 8  ? -4.677  1.660   -2.999  1.00 23.32  ? 8   ALA A N   1 
ATOM   53  C  CA  . ALA A 1 8  ? -3.965  2.313   -4.086  1.00 36.63  ? 8   ALA A CA  1 
ATOM   54  C  C   . ALA A 1 8  ? -5.015  3.237   -4.660  1.00 32.62  ? 8   ALA A C   1 
ATOM   55  O  O   . ALA A 1 8  ? -6.056  2.780   -5.130  1.00 28.67  ? 8   ALA A O   1 
ATOM   56  C  CB  . ALA A 1 8  ? -3.521  1.307   -5.134  1.00 26.26  ? 8   ALA A CB  1 
ATOM   57  N  N   . LEU A 1 9  ? -4.749  4.535   -4.587  1.00 30.94  ? 9   LEU A N   1 
ATOM   58  C  CA  . LEU A 1 9  ? -5.687  5.540   -5.075  1.00 23.85  ? 9   LEU A CA  1 
ATOM   59  C  C   . LEU A 1 9  ? -5.125  6.147   -6.353  1.00 22.33  ? 9   LEU A C   1 
ATOM   60  O  O   . LEU A 1 9  ? -3.969  6.580   -6.392  1.00 19.34  ? 9   LEU A O   1 
ATOM   61  C  CB  . LEU A 1 9  ? -5.869  6.602   -3.987  1.00 25.87  ? 9   LEU A CB  1 
ATOM   62  C  CG  . LEU A 1 9  ? -6.118  5.974   -2.613  1.00 24.07  ? 9   LEU A CG  1 
ATOM   63  C  CD1 . LEU A 1 9  ? -5.815  6.967   -1.525  1.00 24.43  ? 9   LEU A CD1 1 
ATOM   64  C  CD2 . LEU A 1 9  ? -7.546  5.484   -2.533  1.00 16.49  ? 9   LEU A CD2 1 
ATOM   65  N  N   . TRP A 1 10 ? -5.930  6.163   -7.411  1.00 22.81  ? 10  TRP A N   1 
ATOM   66  C  CA  . TRP A 1 10 ? -5.442  6.703   -8.672  1.00 32.64  ? 10  TRP A CA  1 
ATOM   67  C  C   . TRP A 1 10 ? -5.498  8.229   -8.700  1.00 37.66  ? 10  TRP A C   1 
ATOM   68  O  O   . TRP A 1 10 ? -6.533  8.831   -8.429  1.00 29.98  ? 10  TRP A O   1 
ATOM   69  C  CB  . TRP A 1 10 ? -6.248  6.144   -9.837  1.00 29.95  ? 10  TRP A CB  1 
ATOM   70  C  CG  . TRP A 1 10 ? -5.917  6.789   -11.159 1.00 40.28  ? 10  TRP A CG  1 
ATOM   71  C  CD1 . TRP A 1 10 ? -6.781  7.470   -11.978 1.00 36.21  ? 10  TRP A CD1 1 
ATOM   72  C  CD2 . TRP A 1 10 ? -4.657  6.767   -11.835 1.00 35.59  ? 10  TRP A CD2 1 
ATOM   73  N  NE1 . TRP A 1 10 ? -6.136  7.864   -13.121 1.00 34.16  ? 10  TRP A NE1 1 
ATOM   74  C  CE2 . TRP A 1 10 ? -4.829  7.449   -13.063 1.00 38.35  ? 10  TRP A CE2 1 
ATOM   75  C  CE3 . TRP A 1 10 ? -3.394  6.236   -11.526 1.00 32.27  ? 10  TRP A CE3 1 
ATOM   76  C  CZ2 . TRP A 1 10 ? -3.784  7.612   -13.990 1.00 35.50  ? 10  TRP A CZ2 1 
ATOM   77  C  CZ3 . TRP A 1 10 ? -2.353  6.399   -12.449 1.00 37.08  ? 10  TRP A CZ3 1 
ATOM   78  C  CH2 . TRP A 1 10 ? -2.559  7.082   -13.664 1.00 37.71  ? 10  TRP A CH2 1 
ATOM   79  N  N   . ASP A 1 11 ? -4.372  8.839   -9.042  1.00 36.37  ? 11  ASP A N   1 
ATOM   80  C  CA  . ASP A 1 11 ? -4.257  10.290  -9.123  1.00 34.60  ? 11  ASP A CA  1 
ATOM   81  C  C   . ASP A 1 11 ? -3.998  10.662  -10.586 1.00 23.77  ? 11  ASP A C   1 
ATOM   82  O  O   . ASP A 1 11 ? -2.847  10.832  -11.006 1.00 29.49  ? 11  ASP A O   1 
ATOM   83  C  CB  . ASP A 1 11 ? -3.103  10.775  -8.247  1.00 26.49  ? 11  ASP A CB  1 
ATOM   84  C  CG  . ASP A 1 11 ? -2.994  12.301  -8.219  1.00 43.45  ? 11  ASP A CG  1 
ATOM   85  O  OD1 . ASP A 1 11 ? -3.514  12.950  -9.152  1.00 32.38  ? 11  ASP A OD1 1 
ATOM   86  O  OD2 . ASP A 1 11 ? -2.377  12.850  -7.285  1.00 28.62  ? 11  ASP A OD2 1 
ATOM   87  N  N   . GLY A 1 12 ? -5.082  10.757  -11.350 1.00 33.42  ? 12  GLY A N   1 
ATOM   88  C  CA  . GLY A 1 12 ? -4.999  11.080  -12.762 1.00 44.58  ? 12  GLY A CA  1 
ATOM   89  C  C   . GLY A 1 12 ? -4.199  12.317  -13.109 1.00 47.55  ? 12  GLY A C   1 
ATOM   90  O  O   . GLY A 1 12 ? -3.491  12.332  -14.113 1.00 51.22  ? 12  GLY A O   1 
ATOM   91  N  N   . GLU A 1 13 ? -4.309  13.365  -12.302 1.00 46.26  ? 13  GLU A N   1 
ATOM   92  C  CA  . GLU A 1 13 ? -3.552  14.571  -12.594 1.00 53.58  ? 13  GLU A CA  1 
ATOM   93  C  C   . GLU A 1 13 ? -2.060  14.291  -12.560 1.00 44.00  ? 13  GLU A C   1 
ATOM   94  O  O   . GLU A 1 13 ? -1.348  14.583  -13.515 1.00 51.23  ? 13  GLU A O   1 
ATOM   95  C  CB  . GLU A 1 13 ? -3.887  15.678  -11.593 1.00 62.25  ? 13  GLU A CB  1 
ATOM   96  C  CG  . GLU A 1 13 ? -5.306  16.189  -11.688 1.00 80.47  ? 13  GLU A CG  1 
ATOM   97  C  CD  . GLU A 1 13 ? -5.581  17.290  -10.692 1.00 85.48  ? 13  GLU A CD  1 
ATOM   98  O  OE1 . GLU A 1 13 ? -4.860  18.312  -10.743 1.00 80.20  ? 13  GLU A OE1 1 
ATOM   99  O  OE2 . GLU A 1 13 ? -6.508  17.131  -9.867  1.00 86.08  ? 13  GLU A OE2 1 
ATOM   100 N  N   . ALA A 1 14 ? -1.592  13.712  -11.460 1.00 43.52  ? 14  ALA A N   1 
ATOM   101 C  CA  . ALA A 1 14 ? -0.171  13.413  -11.297 1.00 40.76  ? 14  ALA A CA  1 
ATOM   102 C  C   . ALA A 1 14 ? 0.273   12.139  -12.011 1.00 44.58  ? 14  ALA A C   1 
ATOM   103 O  O   . ALA A 1 14 ? 1.452   11.802  -11.990 1.00 48.53  ? 14  ALA A O   1 
ATOM   104 C  CB  . ALA A 1 14 ? 0.177   13.320  -9.814  1.00 38.92  ? 14  ALA A CB  1 
ATOM   105 N  N   . GLY A 1 15 ? -0.666  11.435  -12.635 1.00 37.59  ? 15  GLY A N   1 
ATOM   106 C  CA  . GLY A 1 15 ? -0.330  10.207  -13.340 1.00 46.28  ? 15  GLY A CA  1 
ATOM   107 C  C   . GLY A 1 15 ? 0.345   9.135   -12.490 1.00 44.30  ? 15  GLY A C   1 
ATOM   108 O  O   . GLY A 1 15 ? 1.333   8.535   -12.913 1.00 40.31  ? 15  GLY A O   1 
ATOM   109 N  N   . VAL A 1 16 ? -0.180  8.892   -11.292 1.00 37.79  ? 16  VAL A N   1 
ATOM   110 C  CA  . VAL A 1 16 ? 0.379   7.888   -10.397 1.00 37.78  ? 16  VAL A CA  1 
ATOM   111 C  C   . VAL A 1 16 ? -0.648  7.319   -9.422  1.00 36.92  ? 16  VAL A C   1 
ATOM   112 O  O   . VAL A 1 16 ? -1.671  7.949   -9.143  1.00 33.32  ? 16  VAL A O   1 
ATOM   113 C  CB  . VAL A 1 16 ? 1.533   8.459   -9.557  1.00 43.65  ? 16  VAL A CB  1 
ATOM   114 C  CG1 . VAL A 1 16 ? 2.694   8.845   -10.452 1.00 48.38  ? 16  VAL A CG1 1 
ATOM   115 C  CG2 . VAL A 1 16 ? 1.051   9.663   -8.762  1.00 48.61  ? 16  VAL A CG2 1 
ATOM   116 N  N   . TRP A 1 17 ? -0.371  6.114   -8.928  1.00 27.34  ? 17  TRP A N   1 
ATOM   117 C  CA  . TRP A 1 17 ? -1.220  5.441   -7.948  1.00 27.02  ? 17  TRP A CA  1 
ATOM   118 C  C   . TRP A 1 17 ? -0.569  5.797   -6.637  1.00 30.26  ? 17  TRP A C   1 
ATOM   119 O  O   . TRP A 1 17 ? 0.652   5.763   -6.531  1.00 31.65  ? 17  TRP A O   1 
ATOM   120 C  CB  . TRP A 1 17 ? -1.190  3.918   -8.132  1.00 29.68  ? 17  TRP A CB  1 
ATOM   121 C  CG  . TRP A 1 17 ? -1.982  3.436   -9.298  1.00 18.04  ? 17  TRP A CG  1 
ATOM   122 C  CD1 . TRP A 1 17 ? -1.529  3.200   -10.574 1.00 25.07  ? 17  TRP A CD1 1 
ATOM   123 C  CD2 . TRP A 1 17 ? -3.366  3.101   -9.293  1.00 14.69  ? 17  TRP A CD2 1 
ATOM   124 N  NE1 . TRP A 1 17 ? -2.558  2.731   -11.356 1.00 27.15  ? 17  TRP A NE1 1 
ATOM   125 C  CE2 . TRP A 1 17 ? -3.695  2.663   -10.592 1.00 28.55  ? 17  TRP A CE2 1 
ATOM   126 C  CE3 . TRP A 1 17 ? -4.366  3.133   -8.314  1.00 29.39  ? 17  TRP A CE3 1 
ATOM   127 C  CZ2 . TRP A 1 17 ? -4.992  2.252   -10.933 1.00 28.96  ? 17  TRP A CZ2 1 
ATOM   128 C  CZ3 . TRP A 1 17 ? -5.647  2.728   -8.655  1.00 25.31  ? 17  TRP A CZ3 1 
ATOM   129 C  CH2 . TRP A 1 17 ? -5.947  2.293   -9.955  1.00 35.40  ? 17  TRP A CH2 1 
ATOM   130 N  N   . VAL A 1 18 ? -1.371  6.123   -5.633  1.00 30.31  ? 18  VAL A N   1 
ATOM   131 C  CA  . VAL A 1 18 ? -0.832  6.530   -4.344  1.00 34.84  ? 18  VAL A CA  1 
ATOM   132 C  C   . VAL A 1 18 ? -1.237  5.586   -3.232  1.00 30.10  ? 18  VAL A C   1 
ATOM   133 O  O   . VAL A 1 18 ? -2.413  5.301   -3.062  1.00 28.24  ? 18  VAL A O   1 
ATOM   134 C  CB  . VAL A 1 18 ? -1.315  7.960   -4.000  1.00 39.57  ? 18  VAL A CB  1 
ATOM   135 C  CG1 . VAL A 1 18 ? -0.969  8.306   -2.565  1.00 27.37  ? 18  VAL A CG1 1 
ATOM   136 C  CG2 . VAL A 1 18 ? -0.682  8.945   -4.966  1.00 33.95  ? 18  VAL A CG2 1 
ATOM   137 N  N   . ALA A 1 19 ? -0.258  5.126   -2.464  1.00 30.62  ? 19  ALA A N   1 
ATOM   138 C  CA  . ALA A 1 19 ? -0.535  4.184   -1.388  1.00 30.47  ? 19  ALA A CA  1 
ATOM   139 C  C   . ALA A 1 19 ? -1.071  4.861   -0.134  1.00 39.64  ? 19  ALA A C   1 
ATOM   140 O  O   . ALA A 1 19 ? -0.618  5.935   0.260   1.00 44.13  ? 19  ALA A O   1 
ATOM   141 C  CB  . ALA A 1 19 ? 0.722   3.405   -1.063  1.00 33.75  ? 19  ALA A CB  1 
ATOM   142 N  N   . GLU A 1 20 ? -2.040  4.209   0.496   1.00 34.06  ? 20  GLU A N   1 
ATOM   143 C  CA  . GLU A 1 20 ? -2.647  4.712   1.718   1.00 34.51  ? 20  GLU A CA  1 
ATOM   144 C  C   . GLU A 1 20 ? -2.970  3.524   2.618   1.00 39.90  ? 20  GLU A C   1 
ATOM   145 O  O   . GLU A 1 20 ? -3.589  2.564   2.177   1.00 33.89  ? 20  GLU A O   1 
ATOM   146 C  CB  . GLU A 1 20 ? -3.937  5.472   1.384   1.00 42.39  ? 20  GLU A CB  1 
ATOM   147 C  CG  . GLU A 1 20 ? -4.720  5.968   2.587   1.00 46.04  ? 20  GLU A CG  1 
ATOM   148 C  CD  . GLU A 1 20 ? -3.896  6.882   3.479   1.00 63.48  ? 20  GLU A CD  1 
ATOM   149 O  OE1 . GLU A 1 20 ? -2.914  7.475   2.978   1.00 58.32  ? 20  GLU A OE1 1 
ATOM   150 O  OE2 . GLU A 1 20 ? -4.238  7.005   4.678   1.00 55.33  ? 20  GLU A OE2 1 
ATOM   151 N  N   . SER A 1 21 ? -2.567  3.579   3.880   1.00 33.69  ? 21  SER A N   1 
ATOM   152 C  CA  . SER A 1 21 ? -2.865  2.465   4.763   1.00 37.05  ? 21  SER A CA  1 
ATOM   153 C  C   . SER A 1 21 ? -3.096  2.830   6.218   1.00 41.79  ? 21  SER A C   1 
ATOM   154 O  O   . SER A 1 21 ? -2.329  3.570   6.813   1.00 44.75  ? 21  SER A O   1 
ATOM   155 C  CB  . SER A 1 21 ? -1.748  1.428   4.699   1.00 45.36  ? 21  SER A CB  1 
ATOM   156 O  OG  . SER A 1 21 ? -2.076  0.303   5.497   1.00 40.34  ? 21  SER A OG  1 
ATOM   157 N  N   . ASP A 1 22 ? -4.158  2.276   6.788   1.00 49.37  ? 22  ASP A N   1 
ATOM   158 C  CA  . ASP A 1 22 ? -4.495  2.507   8.184   1.00 58.76  ? 22  ASP A CA  1 
ATOM   159 C  C   . ASP A 1 22 ? -3.790  1.452   9.047   1.00 62.66  ? 22  ASP A C   1 
ATOM   160 O  O   . ASP A 1 22 ? -3.733  1.578   10.273  1.00 70.06  ? 22  ASP A O   1 
ATOM   161 C  CB  . ASP A 1 22 ? -6.011  2.408   8.377   1.00 71.26  ? 22  ASP A CB  1 
ATOM   162 C  CG  . ASP A 1 22 ? -6.476  3.045   9.668   1.00 85.42  ? 22  ASP A CG  1 
ATOM   163 O  OD1 . ASP A 1 22 ? -6.329  4.279   9.804   1.00 92.33  ? 22  ASP A OD1 1 
ATOM   164 O  OD2 . ASP A 1 22 ? -6.984  2.317   10.547  1.00 94.84  ? 22  ASP A OD2 1 
ATOM   165 N  N   . ASP A 1 23 ? -3.257  0.414   8.402   1.00 57.19  ? 23  ASP A N   1 
ATOM   166 C  CA  . ASP A 1 23 ? -2.553  -0.656  9.108   1.00 54.32  ? 23  ASP A CA  1 
ATOM   167 C  C   . ASP A 1 23 ? -1.035  -0.446  9.096   1.00 49.77  ? 23  ASP A C   1 
ATOM   168 O  O   . ASP A 1 23 ? -0.318  -1.029  9.903   1.00 52.99  ? 23  ASP A O   1 
ATOM   169 C  CB  . ASP A 1 23 ? -2.869  -2.034  8.489   1.00 54.49  ? 23  ASP A CB  1 
ATOM   170 C  CG  . ASP A 1 23 ? -4.338  -2.433  8.628   1.00 60.87  ? 23  ASP A CG  1 
ATOM   171 O  OD1 . ASP A 1 23 ? -4.967  -2.075  9.643   1.00 63.52  ? 23  ASP A OD1 1 
ATOM   172 O  OD2 . ASP A 1 23 ? -4.861  -3.129  7.728   1.00 64.27  ? 23  ASP A OD2 1 
ATOM   173 N  N   . VAL A 1 24 ? -0.548  0.387   8.181   1.00 50.05  ? 24  VAL A N   1 
ATOM   174 C  CA  . VAL A 1 24 ? 0.885   0.650   8.064   1.00 48.50  ? 24  VAL A CA  1 
ATOM   175 C  C   . VAL A 1 24 ? 1.211   2.118   8.356   1.00 57.86  ? 24  VAL A C   1 
ATOM   176 O  O   . VAL A 1 24 ? 0.769   3.016   7.642   1.00 61.17  ? 24  VAL A O   1 
ATOM   177 C  CB  . VAL A 1 24 ? 1.381   0.288   6.651   1.00 45.31  ? 24  VAL A CB  1 
ATOM   178 C  CG1 . VAL A 1 24 ? 2.864   0.514   6.542   1.00 44.94  ? 24  VAL A CG1 1 
ATOM   179 C  CG2 . VAL A 1 24 ? 1.050   -1.159  6.348   1.00 50.09  ? 24  VAL A CG2 1 
ATOM   180 N  N   . PRO A 1 25 ? 2.001   2.372   9.415   1.00 66.38  ? 25  PRO A N   1 
ATOM   181 C  CA  . PRO A 1 25 ? 2.414   3.712   9.850   1.00 66.70  ? 25  PRO A CA  1 
ATOM   182 C  C   . PRO A 1 25 ? 3.334   4.454   8.894   1.00 65.14  ? 25  PRO A C   1 
ATOM   183 O  O   . PRO A 1 25 ? 4.183   3.853   8.234   1.00 65.88  ? 25  PRO A O   1 
ATOM   184 C  CB  . PRO A 1 25 ? 3.105   3.446   11.188  1.00 76.16  ? 25  PRO A CB  1 
ATOM   185 C  CG  . PRO A 1 25 ? 2.479   2.165   11.663  1.00 78.61  ? 25  PRO A CG  1 
ATOM   186 C  CD  . PRO A 1 25 ? 2.444   1.362   10.391  1.00 75.11  ? 25  PRO A CD  1 
ATOM   187 N  N   . GLY A 1 26 ? 3.159   5.773   8.842   1.00 59.01  ? 26  GLY A N   1 
ATOM   188 C  CA  . GLY A 1 26 ? 3.981   6.615   7.994   1.00 55.86  ? 26  GLY A CA  1 
ATOM   189 C  C   . GLY A 1 26 ? 4.166   6.132   6.572   1.00 56.79  ? 26  GLY A C   1 
ATOM   190 O  O   . GLY A 1 26 ? 5.253   6.270   6.010   1.00 58.39  ? 26  GLY A O   1 
ATOM   191 N  N   . LEU A 1 27 ? 3.120   5.564   5.981   1.00 57.97  ? 27  LEU A N   1 
ATOM   192 C  CA  . LEU A 1 27 ? 3.229   5.097   4.607   1.00 57.77  ? 27  LEU A CA  1 
ATOM   193 C  C   . LEU A 1 27 ? 2.950   6.236   3.638   1.00 60.15  ? 27  LEU A C   1 
ATOM   194 O  O   . LEU A 1 27 ? 1.864   6.820   3.625   1.00 62.59  ? 27  LEU A O   1 
ATOM   195 C  CB  . LEU A 1 27 ? 2.262   3.936   4.341   1.00 51.25  ? 27  LEU A CB  1 
ATOM   196 C  CG  . LEU A 1 27 ? 2.232   3.441   2.890   1.00 43.25  ? 27  LEU A CG  1 
ATOM   197 C  CD1 . LEU A 1 27 ? 3.650   3.137   2.403   1.00 38.83  ? 27  LEU A CD1 1 
ATOM   198 C  CD2 . LEU A 1 27 ? 1.358   2.201   2.795   1.00 44.28  ? 27  LEU A CD2 1 
ATOM   199 N  N   . ALA A 1 28 ? 3.951   6.556   2.831   1.00 55.28  ? 28  ALA A N   1 
ATOM   200 C  CA  . ALA A 1 28 ? 3.820   7.614   1.848   1.00 62.21  ? 28  ALA A CA  1 
ATOM   201 C  C   . ALA A 1 28 ? 4.584   7.170   0.615   1.00 59.47  ? 28  ALA A C   1 
ATOM   202 O  O   . ALA A 1 28 ? 5.811   7.263   0.571   1.00 61.29  ? 28  ALA A O   1 
ATOM   203 C  CB  . ALA A 1 28 ? 4.397   8.910   2.397   1.00 65.89  ? 28  ALA A CB  1 
ATOM   204 N  N   . THR A 1 29 ? 3.866   6.667   -0.383  1.00 51.94  ? 29  THR A N   1 
ATOM   205 C  CA  . THR A 1 29 ? 4.528   6.206   -1.597  1.00 48.32  ? 29  THR A CA  1 
ATOM   206 C  C   . THR A 1 29 ? 3.571   6.054   -2.771  1.00 42.21  ? 29  THR A C   1 
ATOM   207 O  O   . THR A 1 29 ? 2.379   5.791   -2.590  1.00 46.01  ? 29  THR A O   1 
ATOM   208 C  CB  . THR A 1 29 ? 5.256   4.859   -1.343  1.00 58.61  ? 29  THR A CB  1 
ATOM   209 O  OG1 . THR A 1 29 ? 5.817   4.377   -2.572  1.00 59.68  ? 29  THR A OG1 1 
ATOM   210 C  CG2 . THR A 1 29 ? 4.291   3.818   -0.770  1.00 51.49  ? 29  THR A CG2 1 
ATOM   211 N  N   . GLU A 1 30 ? 4.098   6.230   -3.978  1.00 33.08  ? 30  GLU A N   1 
ATOM   212 C  CA  . GLU A 1 30 ? 3.294   6.111   -5.188  1.00 40.00  ? 30  GLU A CA  1 
ATOM   213 C  C   . GLU A 1 30 ? 4.160   5.558   -6.312  1.00 26.31  ? 30  GLU A C   1 
ATOM   214 O  O   . GLU A 1 30 ? 5.370   5.430   -6.155  1.00 28.78  ? 30  GLU A O   1 
ATOM   215 C  CB  . GLU A 1 30 ? 2.743   7.476   -5.613  1.00 46.62  ? 30  GLU A CB  1 
ATOM   216 C  CG  . GLU A 1 30 ? 3.811   8.401   -6.154  1.00 58.88  ? 30  GLU A CG  1 
ATOM   217 C  CD  . GLU A 1 30 ? 4.344   9.348   -5.107  1.00 66.28  ? 30  GLU A CD  1 
ATOM   218 O  OE1 . GLU A 1 30 ? 4.545   8.921   -3.953  1.00 79.68  ? 30  GLU A OE1 1 
ATOM   219 O  OE2 . GLU A 1 30 ? 4.567   10.526  -5.450  1.00 72.16  ? 30  GLU A OE2 1 
ATOM   220 N  N   . ALA A 1 31 ? 3.526   5.257   -7.445  1.00 23.82  ? 31  ALA A N   1 
ATOM   221 C  CA  . ALA A 1 31 ? 4.208   4.714   -8.615  1.00 41.45  ? 31  ALA A CA  1 
ATOM   222 C  C   . ALA A 1 31 ? 3.297   4.823   -9.835  1.00 36.87  ? 31  ALA A C   1 
ATOM   223 O  O   . ALA A 1 31 ? 2.072   4.776   -9.711  1.00 41.42  ? 31  ALA A O   1 
ATOM   224 C  CB  . ALA A 1 31 ? 4.585   3.237   -8.369  1.00 31.71  ? 31  ALA A CB  1 
ATOM   225 N  N   . ALA A 1 32 ? 3.903   4.966   -11.008 1.00 35.52  ? 32  ALA A N   1 
ATOM   226 C  CA  . ALA A 1 32 ? 3.165   5.076   -12.263 1.00 38.47  ? 32  ALA A CA  1 
ATOM   227 C  C   . ALA A 1 32 ? 2.244   3.890   -12.543 1.00 35.61  ? 32  ALA A C   1 
ATOM   228 O  O   . ALA A 1 32 ? 1.212   4.046   -13.180 1.00 34.45  ? 32  ALA A O   1 
ATOM   229 C  CB  . ALA A 1 32 ? 4.142   5.253   -13.423 1.00 37.71  ? 32  ALA A CB  1 
ATOM   230 N  N   . THR A 1 33 ? 2.614   2.696   -12.095 1.00 42.09  ? 33  THR A N   1 
ATOM   231 C  CA  . THR A 1 33 ? 1.758   1.530   -12.331 1.00 41.49  ? 33  THR A CA  1 
ATOM   232 C  C   . THR A 1 33 ? 1.513   0.781   -11.039 1.00 29.43  ? 33  THR A C   1 
ATOM   233 O  O   . THR A 1 33 ? 2.220   0.980   -10.060 1.00 36.25  ? 33  THR A O   1 
ATOM   234 C  CB  . THR A 1 33 ? 2.390   0.537   -13.317 1.00 46.75  ? 33  THR A CB  1 
ATOM   235 O  OG1 . THR A 1 33 ? 3.493   -0.118  -12.681 1.00 42.88  ? 33  THR A OG1 1 
ATOM   236 C  CG2 . THR A 1 33 ? 2.873   1.255   -14.569 1.00 39.43  ? 33  THR A CG2 1 
ATOM   237 N  N   . LEU A 1 34 ? 0.507   -0.084  -11.035 1.00 31.79  ? 34  LEU A N   1 
ATOM   238 C  CA  . LEU A 1 34 ? 0.199   -0.858  -9.844  1.00 26.47  ? 34  LEU A CA  1 
ATOM   239 C  C   . LEU A 1 34 ? 1.297   -1.909  -9.570  1.00 38.38  ? 34  LEU A C   1 
ATOM   240 O  O   . LEU A 1 34 ? 1.587   -2.225  -8.414  1.00 34.69  ? 34  LEU A O   1 
ATOM   241 C  CB  . LEU A 1 34 ? -1.163  -1.515  -10.011 1.00 30.48  ? 34  LEU A CB  1 
ATOM   242 C  CG  . LEU A 1 34 ? -2.311  -0.512  -9.897  1.00 38.68  ? 34  LEU A CG  1 
ATOM   243 C  CD1 . LEU A 1 34 ? -3.592  -1.141  -10.382 1.00 35.06  ? 34  LEU A CD1 1 
ATOM   244 C  CD2 . LEU A 1 34 ? -2.445  -0.057  -8.440  1.00 29.52  ? 34  LEU A CD2 1 
ATOM   245 N  N   . GLU A 1 35 ? 1.918   -2.435  -10.626 1.00 27.15  ? 35  GLU A N   1 
ATOM   246 C  CA  . GLU A 1 35 ? 2.987   -3.418  -10.446 1.00 42.07  ? 35  GLU A CA  1 
ATOM   247 C  C   . GLU A 1 35 ? 4.125   -2.776  -9.654  1.00 42.42  ? 35  GLU A C   1 
ATOM   248 O  O   . GLU A 1 35 ? 4.579   -3.327  -8.646  1.00 44.96  ? 35  GLU A O   1 
ATOM   249 C  CB  . GLU A 1 35 ? 3.508   -3.908  -11.801 1.00 46.18  ? 35  GLU A CB  1 
ATOM   250 C  CG  . GLU A 1 35 ? 2.600   -4.902  -12.538 1.00 56.06  ? 35  GLU A CG  1 
ATOM   251 C  CD  . GLU A 1 35 ? 1.230   -4.341  -12.915 1.00 66.49  ? 35  GLU A CD  1 
ATOM   252 O  OE1 . GLU A 1 35 ? 1.142   -3.159  -13.323 1.00 65.75  ? 35  GLU A OE1 1 
ATOM   253 O  OE2 . GLU A 1 35 ? 0.235   -5.094  -12.818 1.00 49.31  ? 35  GLU A OE2 1 
ATOM   254 N  N   . GLU A 1 36 ? 4.573   -1.610  -10.116 1.00 38.69  ? 36  GLU A N   1 
ATOM   255 C  CA  . GLU A 1 36 ? 5.645   -0.861  -9.459  1.00 42.35  ? 36  GLU A CA  1 
ATOM   256 C  C   . GLU A 1 36 ? 5.262   -0.461  -8.029  1.00 38.30  ? 36  GLU A C   1 
ATOM   257 O  O   . GLU A 1 36 ? 6.096   -0.475  -7.119  1.00 40.49  ? 36  GLU A O   1 
ATOM   258 C  CB  . GLU A 1 36 ? 5.979   0.401   -10.259 1.00 49.16  ? 36  GLU A CB  1 
ATOM   259 C  CG  . GLU A 1 36 ? 6.486   0.146   -11.664 1.00 65.46  ? 36  GLU A CG  1 
ATOM   260 C  CD  . GLU A 1 36 ? 6.731   1.429   -12.433 1.00 76.05  ? 36  GLU A CD  1 
ATOM   261 O  OE1 . GLU A 1 36 ? 7.446   2.306   -11.905 1.00 91.71  ? 36  GLU A OE1 1 
ATOM   262 O  OE2 . GLU A 1 36 ? 6.212   1.560   -13.563 1.00 83.07  ? 36  GLU A OE2 1 
ATOM   263 N  N   . LEU A 1 37 ? 4.006   -0.085  -7.830  1.00 32.59  ? 37  LEU A N   1 
ATOM   264 C  CA  . LEU A 1 37 ? 3.554   0.286   -6.497  1.00 24.79  ? 37  LEU A CA  1 
ATOM   265 C  C   . LEU A 1 37 ? 3.730   -0.933  -5.589  1.00 40.13  ? 37  LEU A C   1 
ATOM   266 O  O   . LEU A 1 37 ? 4.138   -0.802  -4.429  1.00 32.77  ? 37  LEU A O   1 
ATOM   267 C  CB  . LEU A 1 37 ? 2.081   0.679   -6.518  1.00 37.50  ? 37  LEU A CB  1 
ATOM   268 C  CG  . LEU A 1 37 ? 1.572   1.809   -5.611  1.00 36.02  ? 37  LEU A CG  1 
ATOM   269 C  CD1 . LEU A 1 37 ? 0.224   1.390   -5.114  1.00 33.11  ? 37  LEU A CD1 1 
ATOM   270 C  CD2 . LEU A 1 37 ? 2.483   2.084   -4.428  1.00 40.12  ? 37  LEU A CD2 1 
ATOM   271 N  N   . LEU A 1 38 ? 3.415   -2.118  -6.113  1.00 38.22  ? 38  LEU A N   1 
ATOM   272 C  CA  . LEU A 1 38 ? 3.551   -3.351  -5.333  1.00 39.67  ? 38  LEU A CA  1 
ATOM   273 C  C   . LEU A 1 38 ? 5.010   -3.578  -4.994  1.00 34.67  ? 38  LEU A C   1 
ATOM   274 O  O   . LEU A 1 38 ? 5.353   -3.828  -3.847  1.00 37.56  ? 38  LEU A O   1 
ATOM   275 C  CB  . LEU A 1 38 ? 3.035   -4.562  -6.108  1.00 33.26  ? 38  LEU A CB  1 
ATOM   276 C  CG  . LEU A 1 38 ? 1.610   -5.012  -5.786  1.00 39.98  ? 38  LEU A CG  1 
ATOM   277 C  CD1 . LEU A 1 38 ? 1.175   -6.086  -6.761  1.00 45.01  ? 38  LEU A CD1 1 
ATOM   278 C  CD2 . LEU A 1 38 ? 1.545   -5.517  -4.354  1.00 28.15  ? 38  LEU A CD2 1 
ATOM   279 N  N   . ALA A 1 39 ? 5.857   -3.497  -6.011  1.00 42.85  ? 39  ALA A N   1 
ATOM   280 C  CA  . ALA A 1 39 ? 7.288   -3.677  -5.825  1.00 46.51  ? 39  ALA A CA  1 
ATOM   281 C  C   . ALA A 1 39 ? 7.778   -2.752  -4.709  1.00 51.39  ? 39  ALA A C   1 
ATOM   282 O  O   . ALA A 1 39 ? 8.366   -3.209  -3.722  1.00 50.35  ? 39  ALA A O   1 
ATOM   283 C  CB  . ALA A 1 39 ? 8.021   -3.373  -7.127  1.00 36.18  ? 39  ALA A CB  1 
ATOM   284 N  N   . LYS A 1 40 ? 7.519   -1.453  -4.854  1.00 47.94  ? 40  LYS A N   1 
ATOM   285 C  CA  . LYS A 1 40 ? 7.956   -0.492  -3.846  1.00 43.36  ? 40  LYS A CA  1 
ATOM   286 C  C   . LYS A 1 40 ? 7.434   -0.845  -2.451  1.00 43.47  ? 40  LYS A C   1 
ATOM   287 O  O   . LYS A 1 40 ? 8.181   -0.787  -1.474  1.00 41.02  ? 40  LYS A O   1 
ATOM   288 C  CB  . LYS A 1 40 ? 7.522   0.920   -4.242  1.00 46.51  ? 40  LYS A CB  1 
ATOM   289 C  CG  . LYS A 1 40 ? 8.114   1.387   -5.562  1.00 58.23  ? 40  LYS A CG  1 
ATOM   290 C  CD  . LYS A 1 40 ? 7.797   2.846   -5.852  1.00 63.23  ? 40  LYS A CD  1 
ATOM   291 C  CE  . LYS A 1 40 ? 8.543   3.323   -7.096  1.00 70.86  ? 40  LYS A CE  1 
ATOM   292 N  NZ  . LYS A 1 40 ? 8.357   4.778   -7.365  1.00 63.61  ? 40  LYS A NZ  1 
ATOM   293 N  N   . LEU A 1 41 ? 6.162   -1.228  -2.360  1.00 31.95  ? 41  LEU A N   1 
ATOM   294 C  CA  . LEU A 1 41 ? 5.560   -1.578  -1.076  1.00 36.73  ? 41  LEU A CA  1 
ATOM   295 C  C   . LEU A 1 41 ? 6.251   -2.753  -0.381  1.00 45.81  ? 41  LEU A C   1 
ATOM   296 O  O   . LEU A 1 41 ? 6.441   -2.744  0.835   1.00 44.40  ? 41  LEU A O   1 
ATOM   297 C  CB  . LEU A 1 41 ? 4.071   -1.893  -1.270  1.00 37.31  ? 41  LEU A CB  1 
ATOM   298 C  CG  . LEU A 1 41 ? 3.069   -0.733  -1.134  1.00 46.70  ? 41  LEU A CG  1 
ATOM   299 C  CD1 . LEU A 1 41 ? 3.689   0.534   -1.638  1.00 38.36  ? 41  LEU A CD1 1 
ATOM   300 C  CD2 . LEU A 1 41 ? 1.786   -1.044  -1.905  1.00 27.82  ? 41  LEU A CD2 1 
ATOM   301 N  N   . ALA A 1 42 ? 6.620   -3.759  -1.164  1.00 44.39  ? 42  ALA A N   1 
ATOM   302 C  CA  . ALA A 1 42 ? 7.277   -4.951  -0.642  1.00 53.21  ? 42  ALA A CA  1 
ATOM   303 C  C   . ALA A 1 42 ? 8.519   -4.599  0.158   1.00 52.02  ? 42  ALA A C   1 
ATOM   304 O  O   . ALA A 1 42 ? 8.856   -5.272  1.131   1.00 57.49  ? 42  ALA A O   1 
ATOM   305 C  CB  . ALA A 1 42 ? 7.647   -5.879  -1.787  1.00 36.67  ? 42  ALA A CB  1 
ATOM   306 N  N   . VAL A 1 43 ? 9.191   -3.534  -0.256  1.00 54.87  ? 43  VAL A N   1 
ATOM   307 C  CA  . VAL A 1 43 ? 10.403  -3.085  0.413   1.00 55.45  ? 43  VAL A CA  1 
ATOM   308 C  C   . VAL A 1 43 ? 10.101  -2.169  1.597   1.00 57.84  ? 43  VAL A C   1 
ATOM   309 O  O   . VAL A 1 43 ? 10.496  -2.447  2.729   1.00 57.66  ? 43  VAL A O   1 
ATOM   310 C  CB  . VAL A 1 43 ? 11.317  -2.327  -0.565  1.00 49.09  ? 43  VAL A CB  1 
ATOM   311 C  CG1 . VAL A 1 43 ? 12.591  -1.927  0.134   1.00 57.09  ? 43  VAL A CG1 1 
ATOM   312 C  CG2 . VAL A 1 43 ? 11.624  -3.192  -1.777  1.00 51.39  ? 43  VAL A CG2 1 
HETATM 313 N  N   . MSE A 1 44 ? 9.390   -1.079  1.328   1.00 53.26  ? 44  MSE A N   1 
HETATM 314 C  CA  . MSE A 1 44 ? 9.051   -0.099  2.353   1.00 50.06  ? 44  MSE A CA  1 
HETATM 315 C  C   . MSE A 1 44 ? 8.222   -0.545  3.550   1.00 49.36  ? 44  MSE A C   1 
HETATM 316 O  O   . MSE A 1 44 ? 8.532   -0.181  4.682   1.00 55.67  ? 44  MSE A O   1 
HETATM 317 C  CB  . MSE A 1 44 ? 8.344   1.086   1.716   1.00 59.24  ? 44  MSE A CB  1 
HETATM 318 C  CG  . MSE A 1 44 ? 9.228   1.972   0.883   1.00 71.83  ? 44  MSE A CG  1 
HETATM 319 SE SE  . MSE A 1 44 ? 8.202   3.510   0.366   1.00 102.56 ? 44  MSE A SE  1 
HETATM 320 C  CE  . MSE A 1 44 ? 7.735   4.171   2.133   1.00 55.36  ? 44  MSE A CE  1 
ATOM   321 N  N   . VAL A 1 45 ? 7.159   -1.305  3.308   1.00 43.73  ? 45  VAL A N   1 
ATOM   322 C  CA  . VAL A 1 45 ? 6.283   -1.743  4.392   1.00 45.68  ? 45  VAL A CA  1 
ATOM   323 C  C   . VAL A 1 45 ? 6.971   -2.480  5.546   1.00 52.44  ? 45  VAL A C   1 
ATOM   324 O  O   . VAL A 1 45 ? 6.698   -2.199  6.710   1.00 53.07  ? 45  VAL A O   1 
ATOM   325 C  CB  . VAL A 1 45 ? 5.120   -2.611  3.849   1.00 46.19  ? 45  VAL A CB  1 
ATOM   326 C  CG1 . VAL A 1 45 ? 4.346   -3.236  5.002   1.00 33.03  ? 45  VAL A CG1 1 
ATOM   327 C  CG2 . VAL A 1 45 ? 4.180   -1.741  3.019   1.00 42.42  ? 45  VAL A CG2 1 
ATOM   328 N  N   . PRO A 1 46 ? 7.868   -3.432  5.245   1.00 59.58  ? 46  PRO A N   1 
ATOM   329 C  CA  . PRO A 1 46 ? 8.512   -4.118  6.371   1.00 65.28  ? 46  PRO A CA  1 
ATOM   330 C  C   . PRO A 1 46 ? 9.260   -3.081  7.202   1.00 65.02  ? 46  PRO A C   1 
ATOM   331 O  O   . PRO A 1 46 ? 9.067   -2.977  8.422   1.00 54.00  ? 46  PRO A O   1 
ATOM   332 C  CB  . PRO A 1 46 ? 9.453   -5.108  5.683   1.00 63.63  ? 46  PRO A CB  1 
ATOM   333 C  CG  . PRO A 1 46 ? 8.754   -5.385  4.375   1.00 67.00  ? 46  PRO A CG  1 
ATOM   334 C  CD  . PRO A 1 46 ? 8.313   -3.998  3.961   1.00 56.99  ? 46  PRO A CD  1 
ATOM   335 N  N   . GLU A 1 47 ? 10.095  -2.307  6.510   1.00 62.45  ? 47  GLU A N   1 
ATOM   336 C  CA  . GLU A 1 47 ? 10.894  -1.249  7.120   1.00 67.51  ? 47  GLU A CA  1 
ATOM   337 C  C   . GLU A 1 47 ? 10.070  -0.361  8.043   1.00 69.96  ? 47  GLU A C   1 
ATOM   338 O  O   . GLU A 1 47 ? 10.454  -0.126  9.188   1.00 72.40  ? 47  GLU A O   1 
ATOM   339 C  CB  . GLU A 1 47 ? 11.531  -0.372  6.039   1.00 62.16  ? 47  GLU A CB  1 
ATOM   340 C  CG  . GLU A 1 47 ? 12.310  -1.131  4.983   1.00 79.08  ? 47  GLU A CG  1 
ATOM   341 C  CD  . GLU A 1 47 ? 12.912  -0.210  3.930   1.00 84.50  ? 47  GLU A CD  1 
ATOM   342 O  OE1 . GLU A 1 47 ? 12.178  0.660   3.413   1.00 90.91  ? 47  GLU A OE1 1 
ATOM   343 O  OE2 . GLU A 1 47 ? 14.112  -0.358  3.613   1.00 86.45  ? 47  GLU A OE2 1 
ATOM   344 N  N   . LEU A 1 48 ? 8.942   0.138   7.538   1.00 69.75  ? 48  LEU A N   1 
ATOM   345 C  CA  . LEU A 1 48 ? 8.069   1.014   8.320   1.00 65.35  ? 48  LEU A CA  1 
ATOM   346 C  C   . LEU A 1 48 ? 7.491   0.318   9.538   1.00 64.77  ? 48  LEU A C   1 
ATOM   347 O  O   . LEU A 1 48 ? 7.271   0.952   10.571  1.00 70.30  ? 48  LEU A O   1 
ATOM   348 C  CB  . LEU A 1 48 ? 6.933   1.554   7.447   1.00 64.61  ? 48  LEU A CB  1 
ATOM   349 C  CG  . LEU A 1 48 ? 7.347   2.555   6.359   1.00 73.77  ? 48  LEU A CG  1 
ATOM   350 C  CD1 . LEU A 1 48 ? 6.174   2.853   5.439   1.00 75.71  ? 48  LEU A CD1 1 
ATOM   351 C  CD2 . LEU A 1 48 ? 7.846   3.828   7.012   1.00 72.04  ? 48  LEU A CD2 1 
ATOM   352 N  N   . LEU A 1 49 ? 7.246   -0.984  9.420   1.00 66.53  ? 49  LEU A N   1 
ATOM   353 C  CA  . LEU A 1 49 ? 6.695   -1.762  10.528  1.00 63.52  ? 49  LEU A CA  1 
ATOM   354 C  C   . LEU A 1 49 ? 7.730   -1.975  11.633  1.00 62.57  ? 49  LEU A C   1 
ATOM   355 O  O   . LEU A 1 49 ? 7.385   -2.038  12.815  1.00 55.64  ? 49  LEU A O   1 
ATOM   356 C  CB  . LEU A 1 49 ? 6.181   -3.110  10.020  1.00 57.58  ? 49  LEU A CB  1 
ATOM   357 C  CG  . LEU A 1 49 ? 4.900   -3.022  9.195   1.00 53.16  ? 49  LEU A CG  1 
ATOM   358 C  CD1 . LEU A 1 49 ? 4.632   -4.354  8.510   1.00 56.99  ? 49  LEU A CD1 1 
ATOM   359 C  CD2 . LEU A 1 49 ? 3.740   -2.634  10.100  1.00 50.47  ? 49  LEU A CD2 1 
ATOM   360 N  N   . GLU A 1 50 ? 8.998   -2.083  11.252  1.00 55.31  ? 50  GLU A N   1 
ATOM   361 C  CA  . GLU A 1 50 ? 10.052  -2.271  12.237  1.00 64.77  ? 50  GLU A CA  1 
ATOM   362 C  C   . GLU A 1 50 ? 10.329  -0.937  12.919  1.00 66.63  ? 50  GLU A C   1 
ATOM   363 O  O   . GLU A 1 50 ? 10.256  -0.831  14.145  1.00 59.65  ? 50  GLU A O   1 
ATOM   364 C  CB  . GLU A 1 50 ? 11.311  -2.810  11.559  1.00 69.79  ? 50  GLU A CB  1 
ATOM   365 C  CG  . GLU A 1 50 ? 11.037  -4.079  10.757  1.00 74.13  ? 50  GLU A CG  1 
ATOM   366 C  CD  . GLU A 1 50 ? 12.283  -4.679  10.144  1.00 80.05  ? 50  GLU A CD  1 
ATOM   367 O  OE1 . GLU A 1 50 ? 13.083  -3.922  9.554   1.00 81.17  ? 50  GLU A OE1 1 
ATOM   368 O  OE2 . GLU A 1 50 ? 12.456  -5.912  10.242  1.00 88.37  ? 50  GLU A OE2 1 
ATOM   369 N  N   . GLU A 1 51 ? 10.615  0.084   12.113  1.00 68.85  ? 51  GLU A N   1 
ATOM   370 C  CA  . GLU A 1 51 ? 10.890  1.423   12.623  1.00 70.86  ? 51  GLU A CA  1 
ATOM   371 C  C   . GLU A 1 51 ? 9.831   1.847   13.633  1.00 71.36  ? 51  GLU A C   1 
ATOM   372 O  O   . GLU A 1 51 ? 10.090  2.674   14.504  1.00 74.98  ? 51  GLU A O   1 
ATOM   373 C  CB  . GLU A 1 51 ? 10.924  2.437   11.478  1.00 69.34  ? 51  GLU A CB  1 
ATOM   374 C  CG  . GLU A 1 51 ? 11.889  2.083   10.359  1.00 81.31  ? 51  GLU A CG  1 
ATOM   375 C  CD  . GLU A 1 51 ? 11.965  3.159   9.286   1.00 89.79  ? 51  GLU A CD  1 
ATOM   376 O  OE1 . GLU A 1 51 ? 10.902  3.614   8.814   1.00 92.90  ? 51  GLU A OE1 1 
ATOM   377 O  OE2 . GLU A 1 51 ? 13.090  3.547   8.907   1.00 96.55  ? 51  GLU A OE2 1 
ATOM   378 N  N   . ASN A 1 52 ? 8.636   1.284   13.508  1.00 71.30  ? 52  ASN A N   1 
ATOM   379 C  CA  . ASN A 1 52 ? 7.539   1.596   14.419  1.00 74.76  ? 52  ASN A CA  1 
ATOM   380 C  C   . ASN A 1 52 ? 7.198   0.369   15.263  1.00 75.04  ? 52  ASN A C   1 
ATOM   381 O  O   . ASN A 1 52 ? 7.745   -0.714  15.049  1.00 77.01  ? 52  ASN A O   1 
ATOM   382 C  CB  . ASN A 1 52 ? 6.309   2.040   13.623  1.00 76.52  ? 52  ASN A CB  1 
ATOM   383 C  CG  . ASN A 1 52 ? 6.516   3.369   12.924  1.00 78.49  ? 52  ASN A CG  1 
ATOM   384 O  OD1 . ASN A 1 52 ? 6.510   4.423   13.558  1.00 86.13  ? 52  ASN A OD1 1 
ATOM   385 N  ND2 . ASN A 1 52 ? 6.715   3.326   11.612  1.00 75.81  ? 52  ASN A ND2 1 
ATOM   386 N  N   . GLY A 1 53 ? 6.308   0.542   16.233  1.00 72.69  ? 53  GLY A N   1 
ATOM   387 C  CA  . GLY A 1 53 ? 5.922   -0.582  17.068  1.00 80.69  ? 53  GLY A CA  1 
ATOM   388 C  C   . GLY A 1 53 ? 5.184   -1.625  16.247  1.00 84.59  ? 53  GLY A C   1 
ATOM   389 O  O   . GLY A 1 53 ? 3.968   -1.545  16.078  1.00 91.27  ? 53  GLY A O   1 
ATOM   390 N  N   . VAL A 1 54 ? 5.923   -2.603  15.728  1.00 83.67  ? 54  VAL A N   1 
ATOM   391 C  CA  . VAL A 1 54 ? 5.340   -3.664  14.909  1.00 81.28  ? 54  VAL A CA  1 
ATOM   392 C  C   . VAL A 1 54 ? 4.060   -4.240  15.501  1.00 75.63  ? 54  VAL A C   1 
ATOM   393 O  O   . VAL A 1 54 ? 2.966   -3.757  15.221  1.00 82.72  ? 54  VAL A O   1 
ATOM   394 C  CB  . VAL A 1 54 ? 6.322   -4.838  14.720  1.00 84.06  ? 54  VAL A CB  1 
ATOM   395 C  CG1 . VAL A 1 54 ? 5.756   -5.823  13.708  1.00 85.69  ? 54  VAL A CG1 1 
ATOM   396 C  CG2 . VAL A 1 54 ? 7.684   -4.326  14.285  1.00 82.75  ? 54  VAL A CG2 1 
ATOM   397 N  N   . ALA A 1 55 ? 4.216   -5.281  16.316  1.00 75.61  ? 55  ALA A N   1 
ATOM   398 C  CA  . ALA A 1 55 ? 3.098   -5.965  16.960  1.00 74.39  ? 55  ALA A CA  1 
ATOM   399 C  C   . ALA A 1 55 ? 2.265   -6.665  15.889  1.00 76.09  ? 55  ALA A C   1 
ATOM   400 O  O   . ALA A 1 55 ? 1.068   -6.412  15.750  1.00 77.98  ? 55  ALA A O   1 
ATOM   401 C  CB  . ALA A 1 55 ? 2.241   -4.966  17.739  1.00 77.13  ? 55  ALA A CB  1 
ATOM   402 N  N   . LEU A 1 56 ? 2.910   -7.549  15.133  1.00 73.04  ? 56  LEU A N   1 
ATOM   403 C  CA  . LEU A 1 56 ? 2.247   -8.279  14.055  1.00 69.82  ? 56  LEU A CA  1 
ATOM   404 C  C   . LEU A 1 56 ? 2.252   -9.789  14.227  1.00 66.31  ? 56  LEU A C   1 
ATOM   405 O  O   . LEU A 1 56 ? 3.185   -10.356 14.795  1.00 62.28  ? 56  LEU A O   1 
ATOM   406 C  CB  . LEU A 1 56 ? 2.926   -7.973  12.722  1.00 69.52  ? 56  LEU A CB  1 
ATOM   407 C  CG  . LEU A 1 56 ? 2.780   -6.589  12.103  1.00 69.93  ? 56  LEU A CG  1 
ATOM   408 C  CD1 . LEU A 1 56 ? 3.706   -6.486  10.905  1.00 74.26  ? 56  LEU A CD1 1 
ATOM   409 C  CD2 . LEU A 1 56 ? 1.336   -6.359  11.692  1.00 66.78  ? 56  LEU A CD2 1 
ATOM   410 N  N   . GLU A 1 57 ? 1.203   -10.436 13.728  1.00 67.53  ? 57  GLU A N   1 
ATOM   411 C  CA  . GLU A 1 57 ? 1.121   -11.892 13.768  1.00 71.38  ? 57  GLU A CA  1 
ATOM   412 C  C   . GLU A 1 57 ? 1.645   -12.345 12.407  1.00 69.06  ? 57  GLU A C   1 
ATOM   413 O  O   . GLU A 1 57 ? 1.296   -11.762 11.380  1.00 70.95  ? 57  GLU A O   1 
ATOM   414 C  CB  . GLU A 1 57 ? -0.319  -12.365 13.970  1.00 75.24  ? 57  GLU A CB  1 
ATOM   415 C  CG  . GLU A 1 57 ? -0.866  -12.079 15.352  1.00 88.68  ? 57  GLU A CG  1 
ATOM   416 C  CD  . GLU A 1 57 ? -2.198  -12.750 15.594  1.00 100.00 ? 57  GLU A CD  1 
ATOM   417 O  OE1 . GLU A 1 57 ? -2.275  -13.988 15.445  1.00 101.92 ? 57  GLU A OE1 1 
ATOM   418 O  OE2 . GLU A 1 57 ? -3.166  -12.040 15.933  1.00 105.47 ? 57  GLU A OE2 1 
ATOM   419 N  N   . LEU A 1 58 ? 2.487   -13.372 12.400  1.00 63.83  ? 58  LEU A N   1 
ATOM   420 C  CA  . LEU A 1 58 ? 3.084   -13.860 11.164  1.00 65.87  ? 58  LEU A CA  1 
ATOM   421 C  C   . LEU A 1 58 ? 2.514   -15.189 10.661  1.00 67.13  ? 58  LEU A C   1 
ATOM   422 O  O   . LEU A 1 58 ? 1.864   -15.923 11.408  1.00 69.66  ? 58  LEU A O   1 
ATOM   423 C  CB  . LEU A 1 58 ? 4.602   -13.974 11.359  1.00 75.23  ? 58  LEU A CB  1 
ATOM   424 C  CG  . LEU A 1 58 ? 5.447   -12.691 11.480  1.00 80.31  ? 58  LEU A CG  1 
ATOM   425 C  CD1 . LEU A 1 58 ? 4.703   -11.586 12.212  1.00 81.85  ? 58  LEU A CD1 1 
ATOM   426 C  CD2 . LEU A 1 58 ? 6.730   -13.024 12.217  1.00 81.92  ? 58  LEU A CD2 1 
ATOM   427 N  N   . PRO A 1 59 ? 2.732   -15.502 9.371   1.00 67.87  ? 59  PRO A N   1 
ATOM   428 C  CA  . PRO A 1 59 ? 3.467   -14.666 8.415   1.00 69.73  ? 59  PRO A CA  1 
ATOM   429 C  C   . PRO A 1 59 ? 2.560   -13.547 7.900   1.00 72.94  ? 59  PRO A C   1 
ATOM   430 O  O   . PRO A 1 59 ? 1.351   -13.744 7.733   1.00 67.24  ? 59  PRO A O   1 
ATOM   431 C  CB  . PRO A 1 59 ? 3.850   -15.657 7.327   1.00 72.19  ? 59  PRO A CB  1 
ATOM   432 C  CG  . PRO A 1 59 ? 2.650   -16.538 7.274   1.00 69.83  ? 59  PRO A CG  1 
ATOM   433 C  CD  . PRO A 1 59 ? 2.323   -16.772 8.743   1.00 66.83  ? 59  PRO A CD  1 
ATOM   434 N  N   . VAL A 1 60 ? 3.142   -12.376 7.650   1.00 71.96  ? 60  VAL A N   1 
ATOM   435 C  CA  . VAL A 1 60 ? 2.361   -11.234 7.178   1.00 71.44  ? 60  VAL A CA  1 
ATOM   436 C  C   . VAL A 1 60 ? 2.300   -11.100 5.661   1.00 63.36  ? 60  VAL A C   1 
ATOM   437 O  O   . VAL A 1 60 ? 3.308   -11.255 4.968   1.00 57.16  ? 60  VAL A O   1 
ATOM   438 C  CB  . VAL A 1 60 ? 2.904   -9.901  7.758   1.00 73.88  ? 60  VAL A CB  1 
ATOM   439 C  CG1 . VAL A 1 60 ? 2.059   -8.738  7.263   1.00 78.33  ? 60  VAL A CG1 1 
ATOM   440 C  CG2 . VAL A 1 60 ? 2.892   -9.944  9.276   1.00 72.72  ? 60  VAL A CG2 1 
ATOM   441 N  N   . GLU A 1 61 ? 1.103   -10.813 5.154   1.00 58.31  ? 61  GLU A N   1 
ATOM   442 C  CA  . GLU A 1 61 ? 0.889   -10.624 3.723   1.00 50.06  ? 61  GLU A CA  1 
ATOM   443 C  C   . GLU A 1 61 ? 0.309   -9.233  3.462   1.00 46.44  ? 61  GLU A C   1 
ATOM   444 O  O   . GLU A 1 61 ? -0.474  -8.700  4.259   1.00 36.18  ? 61  GLU A O   1 
ATOM   445 C  CB  . GLU A 1 61 ? -0.064  -11.680 3.170   1.00 50.62  ? 61  GLU A CB  1 
ATOM   446 C  CG  . GLU A 1 61 ? -1.396  -11.755 3.899   1.00 80.04  ? 61  GLU A CG  1 
ATOM   447 C  CD  . GLU A 1 61 ? -2.452  -12.532 3.125   1.00 90.42  ? 61  GLU A CD  1 
ATOM   448 O  OE1 . GLU A 1 61 ? -2.164  -13.667 2.686   1.00 101.27 ? 61  GLU A OE1 1 
ATOM   449 O  OE2 . GLU A 1 61 ? -3.576  -12.009 2.964   1.00 98.12  ? 61  GLU A OE2 1 
ATOM   450 N  N   . LEU A 1 62 ? 0.703   -8.662  2.336   1.00 33.78  ? 62  LEU A N   1 
ATOM   451 C  CA  . LEU A 1 62 ? 0.250   -7.339  1.921   1.00 43.84  ? 62  LEU A CA  1 
ATOM   452 C  C   . LEU A 1 62 ? -0.912  -7.436  0.918   1.00 42.65  ? 62  LEU A C   1 
ATOM   453 O  O   . LEU A 1 62 ? -0.769  -8.067  -0.130  1.00 36.98  ? 62  LEU A O   1 
ATOM   454 C  CB  . LEU A 1 62 ? 1.426   -6.603  1.274   1.00 41.00  ? 62  LEU A CB  1 
ATOM   455 C  CG  . LEU A 1 62 ? 1.215   -5.199  0.716   1.00 51.59  ? 62  LEU A CG  1 
ATOM   456 C  CD1 . LEU A 1 62 ? 1.069   -4.221  1.861   1.00 47.31  ? 62  LEU A CD1 1 
ATOM   457 C  CD2 . LEU A 1 62 ? 2.406   -4.821  -0.153  1.00 51.30  ? 62  LEU A CD2 1 
ATOM   458 N  N   . ARG A 1 63 ? -2.060  -6.831  1.237   1.00 28.58  ? 63  ARG A N   1 
ATOM   459 C  CA  . ARG A 1 63 ? -3.205  -6.844  0.316   1.00 27.32  ? 63  ARG A CA  1 
ATOM   460 C  C   . ARG A 1 63 ? -3.403  -5.449  -0.308  1.00 38.71  ? 63  ARG A C   1 
ATOM   461 O  O   . ARG A 1 63 ? -3.931  -4.533  0.330   1.00 32.52  ? 63  ARG A O   1 
ATOM   462 C  CB  . ARG A 1 63 ? -4.493  -7.266  1.036   1.00 32.61  ? 63  ARG A CB  1 
ATOM   463 C  CG  . ARG A 1 63 ? -5.697  -7.409  0.096   1.00 38.21  ? 63  ARG A CG  1 
ATOM   464 C  CD  . ARG A 1 63 ? -6.977  -7.800  0.833   1.00 48.93  ? 63  ARG A CD  1 
ATOM   465 N  NE  . ARG A 1 63 ? -6.869  -9.079  1.535   1.00 52.88  ? 63  ARG A NE  1 
ATOM   466 C  CZ  . ARG A 1 63 ? -7.843  -9.611  2.273   1.00 58.26  ? 63  ARG A CZ  1 
ATOM   467 N  NH1 . ARG A 1 63 ? -8.998  -8.972  2.404   1.00 58.03  ? 63  ARG A NH1 1 
ATOM   468 N  NH2 . ARG A 1 63 ? -7.660  -10.772 2.891   1.00 58.41  ? 63  ARG A NH2 1 
ATOM   469 N  N   . LEU A 1 64 ? -2.953  -5.284  -1.548  1.00 35.48  ? 64  LEU A N   1 
ATOM   470 C  CA  . LEU A 1 64 ? -3.104  -4.014  -2.253  1.00 28.23  ? 64  LEU A CA  1 
ATOM   471 C  C   . LEU A 1 64 ? -4.495  -3.972  -2.872  1.00 36.77  ? 64  LEU A C   1 
ATOM   472 O  O   . LEU A 1 64 ? -4.851  -4.835  -3.679  1.00 29.18  ? 64  LEU A O   1 
ATOM   473 C  CB  . LEU A 1 64 ? -2.068  -3.883  -3.354  1.00 27.05  ? 64  LEU A CB  1 
ATOM   474 C  CG  . LEU A 1 64 ? -1.434  -2.507  -3.606  1.00 42.81  ? 64  LEU A CG  1 
ATOM   475 C  CD1 . LEU A 1 64 ? -1.100  -2.403  -5.083  1.00 19.26  ? 64  LEU A CD1 1 
ATOM   476 C  CD2 . LEU A 1 64 ? -2.359  -1.376  -3.193  1.00 42.94  ? 64  LEU A CD2 1 
ATOM   477 N  N   . GLU A 1 65 ? -5.276  -2.963  -2.493  1.00 26.58  ? 65  GLU A N   1 
ATOM   478 C  CA  . GLU A 1 65 ? -6.643  -2.815  -2.979  1.00 30.92  ? 65  GLU A CA  1 
ATOM   479 C  C   . GLU A 1 65 ? -6.830  -1.591  -3.875  1.00 35.50  ? 65  GLU A C   1 
ATOM   480 O  O   . GLU A 1 65 ? -6.357  -0.500  -3.561  1.00 40.83  ? 65  GLU A O   1 
ATOM   481 C  CB  . GLU A 1 65 ? -7.596  -2.721  -1.787  1.00 33.78  ? 65  GLU A CB  1 
ATOM   482 C  CG  . GLU A 1 65 ? -7.498  -3.917  -0.835  1.00 56.28  ? 65  GLU A CG  1 
ATOM   483 C  CD  . GLU A 1 65 ? -8.166  -3.658  0.506   1.00 65.14  ? 65  GLU A CD  1 
ATOM   484 O  OE1 . GLU A 1 65 ? -7.797  -2.655  1.160   1.00 51.68  ? 65  GLU A OE1 1 
ATOM   485 O  OE2 . GLU A 1 65 ? -9.048  -4.455  0.909   1.00 70.78  ? 65  GLU A OE2 1 
ATOM   486 N  N   . ALA A 1 66 ? -7.523  -1.782  -4.991  1.00 25.23  ? 66  ALA A N   1 
ATOM   487 C  CA  . ALA A 1 66 ? -7.798  -0.703  -5.928  1.00 35.12  ? 66  ALA A CA  1 
ATOM   488 C  C   . ALA A 1 66 ? -9.279  -0.758  -6.243  1.00 42.71  ? 66  ALA A C   1 
ATOM   489 O  O   . ALA A 1 66 ? -9.779  -1.786  -6.717  1.00 35.49  ? 66  ALA A O   1 
ATOM   490 C  CB  . ALA A 1 66 ? -6.983  -0.876  -7.211  1.00 31.30  ? 66  ALA A CB  1 
ATOM   491 N  N   . THR A 1 67 ? -9.983  0.343   -5.984  1.00 38.71  ? 67  THR A N   1 
ATOM   492 C  CA  . THR A 1 67 ? -11.414 0.390   -6.232  1.00 37.59  ? 67  THR A CA  1 
ATOM   493 C  C   . THR A 1 67 ? -11.785 1.156   -7.495  1.00 50.06  ? 67  THR A C   1 
ATOM   494 O  O   . THR A 1 67 ? -11.155 2.153   -7.856  1.00 59.02  ? 67  THR A O   1 
ATOM   495 C  CB  . THR A 1 67 ? -12.168 0.982   -5.020  1.00 43.24  ? 67  THR A CB  1 
ATOM   496 O  OG1 . THR A 1 67 ? -11.856 0.220   -3.842  1.00 48.31  ? 67  THR A OG1 1 
ATOM   497 C  CG2 . THR A 1 67 ? -13.672 0.931   -5.250  1.00 45.42  ? 67  THR A CG2 1 
ATOM   498 N  N   . ARG A 1 68 ? -12.817 0.655   -8.167  1.00 42.49  ? 68  ARG A N   1 
ATOM   499 C  CA  . ARG A 1 68 ? -13.324 1.240   -9.395  1.00 50.28  ? 68  ARG A CA  1 
ATOM   500 C  C   . ARG A 1 68 ? -14.843 1.288   -9.297  1.00 50.23  ? 68  ARG A C   1 
ATOM   501 O  O   . ARG A 1 68 ? -15.490 0.315   -8.908  1.00 43.33  ? 68  ARG A O   1 
ATOM   502 C  CB  . ARG A 1 68 ? -12.921 0.382   -10.594 1.00 60.63  ? 68  ARG A CB  1 
ATOM   503 C  CG  . ARG A 1 68 ? -13.296 0.953   -11.949 1.00 65.01  ? 68  ARG A CG  1 
ATOM   504 C  CD  . ARG A 1 68 ? -12.058 1.155   -12.816 1.00 72.48  ? 68  ARG A CD  1 
ATOM   505 N  NE  . ARG A 1 68 ? -12.412 1.241   -14.231 1.00 82.99  ? 68  ARG A NE  1 
ATOM   506 C  CZ  . ARG A 1 68 ? -11.536 1.432   -15.225 1.00 89.81  ? 68  ARG A CZ  1 
ATOM   507 N  NH1 . ARG A 1 68 ? -10.248 1.617   -14.962 1.00 83.35  ? 68  ARG A NH1 1 
ATOM   508 N  NH2 . ARG A 1 68 ? -11.999 1.721   -16.439 1.00 86.90  ? 68  ARG A NH2 1 
ATOM   509 N  N   . PRO A 1 69 ? -15.437 2.428   -9.646  1.00 52.22  ? 69  PRO A N   1 
ATOM   510 C  CA  . PRO A 1 69 ? -16.894 2.533   -9.576  1.00 50.37  ? 69  PRO A CA  1 
ATOM   511 C  C   . PRO A 1 69 ? -17.535 1.806   -10.763 1.00 42.45  ? 69  PRO A C   1 
ATOM   512 O  O   . PRO A 1 69 ? -17.038 1.905   -11.880 1.00 40.16  ? 69  PRO A O   1 
ATOM   513 C  CB  . PRO A 1 69 ? -17.114 4.036   -9.631  1.00 51.88  ? 69  PRO A CB  1 
ATOM   514 C  CG  . PRO A 1 69 ? -16.043 4.462   -10.609 1.00 57.06  ? 69  PRO A CG  1 
ATOM   515 C  CD  . PRO A 1 69 ? -14.832 3.679   -10.141 1.00 42.06  ? 69  PRO A CD  1 
ATOM   516 N  N   . LEU A 1 70 ? -18.623 1.075   -10.526 1.00 45.29  ? 70  LEU A N   1 
ATOM   517 C  CA  . LEU A 1 70 ? -19.304 0.364   -11.614 1.00 50.75  ? 70  LEU A CA  1 
ATOM   518 C  C   . LEU A 1 70 ? -20.561 1.066   -12.133 1.00 49.64  ? 70  LEU A C   1 
ATOM   519 O  O   . LEU A 1 70 ? -21.403 1.518   -11.347 1.00 52.40  ? 70  LEU A O   1 
ATOM   520 C  CB  . LEU A 1 70 ? -19.674 -1.057  -11.175 1.00 44.81  ? 70  LEU A CB  1 
ATOM   521 C  CG  . LEU A 1 70 ? -18.477 -1.999  -11.011 1.00 58.52  ? 70  LEU A CG  1 
ATOM   522 C  CD1 . LEU A 1 70 ? -18.958 -3.374  -10.556 1.00 58.32  ? 70  LEU A CD1 1 
ATOM   523 C  CD2 . LEU A 1 70 ? -17.719 -2.092  -12.339 1.00 42.01  ? 70  LEU A CD2 1 
ATOM   524 N  N   . VAL A 1 71 ? -20.684 1.137   -13.459 1.00 52.98  ? 71  VAL A N   1 
ATOM   525 C  CA  . VAL A 1 71 ? -21.830 1.772   -14.111 1.00 58.10  ? 71  VAL A CA  1 
ATOM   526 C  C   . VAL A 1 71 ? -22.789 0.758   -14.739 1.00 63.38  ? 71  VAL A C   1 
ATOM   527 O  O   . VAL A 1 71 ? -22.372 -0.143  -15.476 1.00 63.55  ? 71  VAL A O   1 
ATOM   528 C  CB  . VAL A 1 71 ? -21.373 2.746   -15.213 1.00 49.25  ? 71  VAL A CB  1 
ATOM   529 C  CG1 . VAL A 1 71 ? -22.579 3.468   -15.802 1.00 57.78  ? 71  VAL A CG1 1 
ATOM   530 C  CG2 . VAL A 1 71 ? -20.382 3.746   -14.638 1.00 45.24  ? 71  VAL A CG2 1 
ATOM   531 N  N   . PHE A 1 72 ? -24.076 0.919   -14.446 1.00 71.74  ? 72  PHE A N   1 
ATOM   532 C  CA  . PHE A 1 72 ? -25.118 0.035   -14.971 1.00 77.60  ? 72  PHE A CA  1 
ATOM   533 C  C   . PHE A 1 72 ? -26.128 0.827   -15.791 1.00 74.19  ? 72  PHE A C   1 
ATOM   534 O  O   . PHE A 1 72 ? -26.234 0.585   -17.012 1.00 73.19  ? 72  PHE A O   1 
ATOM   535 C  CB  . PHE A 1 72 ? -25.844 -0.657  -13.819 1.00 79.08  ? 72  PHE A CB  1 
ATOM   536 C  CG  . PHE A 1 72 ? -24.940 -1.460  -12.939 1.00 91.02  ? 72  PHE A CG  1 
ATOM   537 C  CD1 . PHE A 1 72 ? -24.435 -2.684  -13.367 1.00 96.68  ? 72  PHE A CD1 1 
ATOM   538 C  CD2 . PHE A 1 72 ? -24.581 -0.987  -11.681 1.00 96.72  ? 72  PHE A CD2 1 
ATOM   539 C  CE1 . PHE A 1 72 ? -23.581 -3.425  -12.555 1.00 102.73 ? 72  PHE A CE1 1 
ATOM   540 C  CE2 . PHE A 1 72 ? -23.728 -1.720  -10.859 1.00 99.44  ? 72  PHE A CE2 1 
ATOM   541 C  CZ  . PHE A 1 72 ? -23.228 -2.943  -11.297 1.00 102.07 ? 72  PHE A CZ  1 
HETATM 542 O  O   . HOH B 2 .  ? -5.926  -0.041  5.703   1.00 44.31  ? 74  HOH A O   1 
HETATM 543 O  O   . HOH B 2 .  ? -8.445  5.186   -7.481  1.00 32.12  ? 75  HOH A O   1 
HETATM 544 O  O   . HOH B 2 .  ? -6.953  13.424  -11.070 1.00 52.52  ? 76  HOH A O   1 
HETATM 545 O  O   . HOH B 2 .  ? -5.708  14.948  -16.236 1.00 56.25  ? 77  HOH A O   1 
HETATM 546 O  O   . HOH B 2 .  ? -0.001  13.272  -16.052 1.00 61.75  ? 78  HOH A O   1 
HETATM 547 O  O   . HOH B 2 .  ? -0.991  5.824   4.762   1.00 43.33  ? 79  HOH A O   1 
HETATM 548 O  O   . HOH B 2 .  ? 6.937   3.891   -15.166 1.00 67.91  ? 80  HOH A O   1 
HETATM 549 O  O   . HOH B 2 .  ? 2.635   3.941   -17.294 1.00 66.37  ? 81  HOH A O   1 
HETATM 550 O  O   . HOH B 2 .  ? 11.395  -1.101  -7.285  1.00 69.25  ? 82  HOH A O   1 
HETATM 551 O  O   . HOH B 2 .  ? -18.185 1.408   -15.576 1.00 57.84  ? 83  HOH A O   1 
HETATM 552 O  O   . HOH B 2 .  ? -19.433 0.315   -18.023 1.00 63.61  ? 84  HOH A O   1 
HETATM 553 O  O   . HOH B 2 .  ? -13.271 7.424   -8.870  0.50 57.25  ? 85  HOH A O   1 
HETATM 554 O  O   . HOH B 2 .  ? -7.521  9.753   -15.280 1.00 54.62  ? 86  HOH A O   1 
HETATM 555 O  O   . HOH B 2 .  ? -7.887  11.238  -10.138 1.00 46.25  ? 87  HOH A O   1 
HETATM 556 O  O   . HOH B 2 .  ? 15.719  -1.367  9.910   1.00 69.64  ? 88  HOH A O   1 
HETATM 557 O  O   . HOH B 2 .  ? 15.320  -2.797  13.302  1.00 73.81  ? 89  HOH A O   1 
HETATM 558 O  O   . HOH B 2 .  ? 13.799  7.481   12.147  1.00 71.41  ? 90  HOH A O   1 
HETATM 559 O  O   . HOH B 2 .  ? 3.914   -17.916 2.731   1.00 64.72  ? 91  HOH A O   1 
HETATM 560 O  O   . HOH B 2 .  ? -5.256  -11.008 1.143   1.00 54.45  ? 92  HOH A O   1 
HETATM 561 O  O   . HOH B 2 .  ? -9.900  4.397   -10.896 1.00 59.05  ? 93  HOH A O   1 
HETATM 562 O  O   . HOH B 2 .  ? -8.611  2.673   -5.624  1.00 33.25  ? 94  HOH A O   1 
HETATM 563 O  O   . HOH B 2 .  ? 3.378   12.283  -10.792 1.00 41.83  ? 95  HOH A O   1 
HETATM 564 O  O   . HOH B 2 .  ? 10.435  9.348   -5.757  1.00 72.93  ? 96  HOH A O   1 
HETATM 565 O  O   . HOH B 2 .  ? 7.838   7.961   -1.549  1.00 51.10  ? 97  HOH A O   1 
HETATM 566 O  O   . HOH B 2 .  ? 5.005   1.503   -18.261 1.00 60.28  ? 98  HOH A O   1 
HETATM 567 O  O   . HOH B 2 .  ? 14.352  -0.606  14.694  1.00 49.42  ? 99  HOH A O   1 
HETATM 568 O  O   . HOH B 2 .  ? 10.473  6.407   13.903  1.00 58.06  ? 100 HOH A O   1 
HETATM 569 O  O   . HOH B 2 .  ? 4.749   -6.626  -9.602  1.00 52.63  ? 101 HOH A O   1 
HETATM 570 O  O   . HOH B 2 .  ? -10.130 4.982   -16.106 1.00 62.79  ? 102 HOH A O   1 
HETATM 571 O  O   . HOH B 2 .  ? -10.958 -10.383 3.305   1.00 58.32  ? 103 HOH A O   1 
HETATM 572 O  O   . HOH B 2 .  ? -1.122  -14.079 8.778   1.00 65.53  ? 104 HOH A O   1 
HETATM 573 O  O   . HOH B 2 .  ? -9.229  0.519   -2.773  1.00 56.99  ? 105 HOH A O   1 
HETATM 574 O  O   . HOH B 2 .  ? -0.035  9.321   1.570   1.00 72.63  ? 106 HOH A O   1 
HETATM 575 O  O   . HOH B 2 .  ? 3.405   -2.755  -15.783 1.00 62.48  ? 107 HOH A O   1 
HETATM 576 O  O   . HOH B 2 .  ? 14.234  2.108   1.233   1.00 64.72  ? 108 HOH A O   1 
HETATM 577 O  O   . HOH B 2 .  ? 11.257  0.660   17.732  1.00 66.98  ? 109 HOH A O   1 
HETATM 578 O  O   . HOH B 2 .  ? -18.317 6.514   -12.569 0.50 52.76  ? 110 HOH A O   1 
HETATM 579 O  O   . HOH B 2 .  ? 0.239   1.705   -21.412 1.00 60.79  ? 111 HOH A O   1 
# 
